data_2RR2
#
_entry.id   2RR2
#
loop_
_entity.id
_entity.type
_entity.pdbx_description
1 polymer 'Neurogenic locus notch homolog protein 1'
2 non-polymer alpha-L-fucopyranose
#
_entity_poly.entity_id   1
_entity_poly.type   'polypeptide(L)'
_entity_poly.pdbx_seq_one_letter_code
;DVNECISNPCQNDATCLDQIGEFQCICMPGYEGVYCEI
;
_entity_poly.pdbx_strand_id   A
#
# COMPACT_ATOMS: atom_id res chain seq x y z
N ASP A 1 -0.13 -16.74 -5.92
CA ASP A 1 0.30 -15.44 -5.44
C ASP A 1 0.94 -14.64 -6.57
N VAL A 2 0.10 -14.04 -7.41
CA VAL A 2 0.60 -13.23 -8.52
C VAL A 2 0.15 -11.77 -8.39
N ASN A 3 1.10 -10.91 -8.05
CA ASN A 3 0.81 -9.49 -7.89
C ASN A 3 -0.24 -9.27 -6.79
N GLU A 4 0.23 -9.17 -5.55
CA GLU A 4 -0.66 -8.95 -4.42
C GLU A 4 -1.35 -7.59 -4.51
N CYS A 5 -0.66 -6.62 -5.11
CA CYS A 5 -1.20 -5.27 -5.26
C CYS A 5 -1.96 -5.15 -6.57
N ILE A 6 -3.28 -5.34 -6.50
CA ILE A 6 -4.13 -5.25 -7.68
C ILE A 6 -4.65 -3.83 -7.87
N SER A 7 -5.11 -3.23 -6.78
CA SER A 7 -5.63 -1.86 -6.82
C SER A 7 -5.24 -1.10 -5.57
N ASN A 8 -3.95 -1.10 -5.26
CA ASN A 8 -3.44 -0.41 -4.09
C ASN A 8 -4.04 -0.98 -2.81
N PRO A 9 -3.19 -1.54 -1.91
CA PRO A 9 -3.67 -2.12 -0.65
C PRO A 9 -4.27 -1.07 0.28
N CYS A 10 -3.62 0.08 0.37
CA CYS A 10 -4.08 1.17 1.21
C CYS A 10 -5.54 1.52 0.90
N GLN A 11 -6.33 1.73 1.94
CA GLN A 11 -7.74 2.08 1.77
C GLN A 11 -7.92 3.59 1.72
N ASN A 12 -7.04 4.24 0.97
CA ASN A 12 -7.06 5.68 0.82
C ASN A 12 -6.48 6.06 -0.54
N ASP A 13 -6.09 7.32 -0.70
CA ASP A 13 -5.51 7.78 -1.96
C ASP A 13 -4.00 7.60 -1.95
N ALA A 14 -3.53 6.48 -1.40
CA ALA A 14 -2.12 6.19 -1.34
C ALA A 14 -1.59 5.68 -2.68
N THR A 15 -0.33 5.28 -2.69
CA THR A 15 0.31 4.78 -3.90
C THR A 15 0.84 3.36 -3.68
N CYS A 16 0.81 2.55 -4.74
CA CYS A 16 1.28 1.18 -4.65
C CYS A 16 2.78 1.09 -4.97
N LEU A 17 3.42 0.05 -4.47
CA LEU A 17 4.85 -0.16 -4.69
C LEU A 17 5.30 -1.52 -4.17
N ASP A 18 5.04 -2.56 -4.96
CA ASP A 18 5.41 -3.92 -4.57
C ASP A 18 5.98 -4.69 -5.76
N GLN A 19 6.55 -5.86 -5.49
CA GLN A 19 7.14 -6.69 -6.52
C GLN A 19 7.03 -8.17 -6.16
N ILE A 20 7.61 -9.02 -6.99
CA ILE A 20 7.59 -10.46 -6.76
C ILE A 20 8.45 -10.83 -5.54
N GLY A 21 7.96 -10.46 -4.35
CA GLY A 21 8.69 -10.76 -3.14
C GLY A 21 8.55 -9.67 -2.09
N GLU A 22 8.31 -8.44 -2.55
CA GLU A 22 8.15 -7.31 -1.65
C GLU A 22 6.71 -6.84 -1.60
N PHE A 23 6.44 -5.83 -0.77
CA PHE A 23 5.10 -5.29 -0.63
C PHE A 23 5.10 -4.09 0.32
N GLN A 24 5.03 -2.89 -0.25
CA GLN A 24 5.03 -1.67 0.53
C GLN A 24 4.11 -0.62 -0.08
N CYS A 25 3.27 -0.01 0.74
CA CYS A 25 2.33 1.01 0.28
C CYS A 25 2.76 2.39 0.79
N ILE A 26 2.63 3.40 -0.06
CA ILE A 26 2.98 4.76 0.31
C ILE A 26 1.80 5.49 0.92
N CYS A 27 1.67 5.40 2.24
CA CYS A 27 0.57 6.03 2.95
C CYS A 27 0.60 7.55 2.77
N MET A 28 -0.18 8.25 3.58
CA MET A 28 -0.25 9.71 3.51
C MET A 28 0.56 10.34 4.63
N PRO A 29 1.01 11.60 4.43
CA PRO A 29 1.81 12.32 5.44
C PRO A 29 1.09 12.39 6.79
N GLY A 30 1.40 11.43 7.66
CA GLY A 30 0.77 11.41 8.97
C GLY A 30 -0.43 10.49 9.02
N TYR A 31 -0.32 9.35 8.35
CA TYR A 31 -1.41 8.38 8.31
C TYR A 31 -0.97 7.05 8.90
N GLU A 32 -1.63 6.62 9.97
CA GLU A 32 -1.29 5.36 10.63
C GLU A 32 -2.09 4.20 10.03
N GLY A 33 -1.57 2.99 10.19
CA GLY A 33 -2.24 1.82 9.66
C GLY A 33 -1.42 1.12 8.60
N VAL A 34 -1.49 -0.21 8.58
CA VAL A 34 -0.75 -1.01 7.60
C VAL A 34 -1.12 -0.61 6.17
N TYR A 35 -2.41 -0.37 5.95
CA TYR A 35 -2.90 0.03 4.63
C TYR A 35 -3.69 1.33 4.71
N CYS A 36 -3.12 2.32 5.38
CA CYS A 36 -3.77 3.63 5.53
C CYS A 36 -5.23 3.47 5.96
N GLU A 37 -5.44 3.15 7.22
CA GLU A 37 -6.79 2.98 7.75
C GLU A 37 -7.04 3.90 8.95
N ILE A 38 -5.97 4.27 9.65
CA ILE A 38 -6.09 5.14 10.81
C ILE A 38 -5.99 6.62 10.40
N ASP A 1 -1.07 -14.60 -8.10
CA ASP A 1 0.12 -13.89 -8.58
C ASP A 1 0.98 -13.41 -7.42
N VAL A 2 2.23 -13.08 -7.71
CA VAL A 2 3.15 -12.61 -6.69
C VAL A 2 3.28 -11.09 -6.73
N ASN A 3 2.31 -10.40 -6.13
CA ASN A 3 2.30 -8.95 -6.09
C ASN A 3 1.39 -8.44 -5.00
N GLU A 4 0.19 -9.00 -4.92
CA GLU A 4 -0.78 -8.59 -3.90
C GLU A 4 -1.13 -7.12 -4.05
N CYS A 5 -1.07 -6.60 -5.28
CA CYS A 5 -1.38 -5.21 -5.53
C CYS A 5 -2.17 -5.07 -6.84
N ILE A 6 -3.48 -5.25 -6.76
CA ILE A 6 -4.34 -5.13 -7.93
C ILE A 6 -4.84 -3.69 -8.09
N SER A 7 -5.27 -3.10 -6.98
CA SER A 7 -5.75 -1.72 -7.00
C SER A 7 -5.34 -1.00 -5.73
N ASN A 8 -4.05 -1.03 -5.43
CA ASN A 8 -3.51 -0.37 -4.24
C ASN A 8 -4.11 -0.99 -2.97
N PRO A 9 -3.27 -1.56 -2.09
CA PRO A 9 -3.73 -2.17 -0.84
C PRO A 9 -4.35 -1.15 0.10
N CYS A 10 -3.70 0.02 0.22
CA CYS A 10 -4.18 1.08 1.08
C CYS A 10 -5.62 1.45 0.73
N GLN A 11 -6.44 1.65 1.76
CA GLN A 11 -7.84 2.02 1.56
C GLN A 11 -8.00 3.53 1.56
N ASN A 12 -7.08 4.19 0.87
CA ASN A 12 -7.08 5.64 0.76
C ASN A 12 -6.46 6.06 -0.56
N ASP A 13 -6.04 7.32 -0.66
CA ASP A 13 -5.41 7.81 -1.88
C ASP A 13 -3.90 7.61 -1.85
N ALA A 14 -3.47 6.48 -1.30
CA ALA A 14 -2.06 6.16 -1.18
C ALA A 14 -1.51 5.64 -2.51
N THR A 15 -0.24 5.22 -2.48
CA THR A 15 0.42 4.71 -3.67
C THR A 15 0.99 3.31 -3.40
N CYS A 16 0.92 2.44 -4.41
CA CYS A 16 1.44 1.09 -4.28
C CYS A 16 2.90 1.01 -4.71
N LEU A 17 3.65 0.10 -4.10
CA LEU A 17 5.06 -0.07 -4.41
C LEU A 17 5.54 -1.47 -4.03
N ASP A 18 5.02 -2.48 -4.73
CA ASP A 18 5.40 -3.86 -4.47
C ASP A 18 6.22 -4.43 -5.63
N GLN A 19 7.50 -4.66 -5.38
CA GLN A 19 8.40 -5.20 -6.39
C GLN A 19 8.41 -6.73 -6.34
N ILE A 20 9.25 -7.33 -7.17
CA ILE A 20 9.36 -8.79 -7.21
C ILE A 20 9.70 -9.35 -5.83
N GLY A 21 8.70 -9.93 -5.18
CA GLY A 21 8.89 -10.50 -3.87
C GLY A 21 8.91 -9.45 -2.77
N GLU A 22 8.22 -8.34 -3.02
CA GLU A 22 8.16 -7.25 -2.05
C GLU A 22 6.73 -6.71 -1.94
N PHE A 23 6.57 -5.69 -1.11
CA PHE A 23 5.26 -5.08 -0.90
C PHE A 23 5.35 -3.89 0.05
N GLN A 24 5.10 -2.70 -0.46
CA GLN A 24 5.16 -1.48 0.34
C GLN A 24 4.18 -0.43 -0.17
N CYS A 25 3.30 0.03 0.71
CA CYS A 25 2.31 1.04 0.34
C CYS A 25 2.69 2.40 0.91
N ILE A 26 2.64 3.43 0.07
CA ILE A 26 2.99 4.78 0.49
C ILE A 26 1.77 5.52 1.01
N CYS A 27 1.53 5.43 2.31
CA CYS A 27 0.40 6.08 2.93
C CYS A 27 0.44 7.59 2.71
N MET A 28 -0.41 8.32 3.43
CA MET A 28 -0.47 9.77 3.31
C MET A 28 0.46 10.43 4.33
N PRO A 29 0.82 11.71 4.08
CA PRO A 29 1.70 12.47 4.98
C PRO A 29 1.24 12.40 6.43
N GLY A 30 1.80 11.48 7.19
CA GLY A 30 1.43 11.33 8.59
C GLY A 30 0.13 10.58 8.76
N TYR A 31 0.05 9.39 8.19
CA TYR A 31 -1.16 8.57 8.30
C TYR A 31 -0.85 7.24 8.97
N GLU A 32 -1.75 6.82 9.86
CA GLU A 32 -1.57 5.56 10.58
C GLU A 32 -2.27 4.40 9.86
N GLY A 33 -1.88 3.18 10.20
CA GLY A 33 -2.48 2.01 9.58
C GLY A 33 -1.61 1.42 8.50
N VAL A 34 -1.53 0.09 8.48
CA VAL A 34 -0.72 -0.61 7.49
C VAL A 34 -1.13 -0.23 6.07
N TYR A 35 -2.43 -0.29 5.81
CA TYR A 35 -2.97 0.05 4.50
C TYR A 35 -3.80 1.32 4.57
N CYS A 36 -3.28 2.31 5.30
CA CYS A 36 -3.97 3.59 5.45
C CYS A 36 -5.41 3.39 5.93
N GLU A 37 -5.63 3.52 7.23
CA GLU A 37 -6.95 3.35 7.80
C GLU A 37 -7.01 3.87 9.23
N ILE A 38 -5.93 3.63 9.99
CA ILE A 38 -5.85 4.07 11.37
C ILE A 38 -5.25 5.47 11.47
N ASP A 1 7.64 -10.67 -13.68
CA ASP A 1 7.71 -9.62 -12.67
C ASP A 1 6.41 -8.84 -12.62
N VAL A 2 5.47 -9.30 -11.79
CA VAL A 2 4.18 -8.64 -11.65
C VAL A 2 4.17 -7.71 -10.44
N ASN A 3 3.52 -6.56 -10.57
CA ASN A 3 3.42 -5.60 -9.49
C ASN A 3 2.12 -5.77 -8.71
N GLU A 4 2.07 -5.18 -7.52
CA GLU A 4 0.88 -5.27 -6.68
C GLU A 4 0.05 -4.00 -6.78
N CYS A 5 -0.11 -3.50 -8.00
CA CYS A 5 -0.90 -2.29 -8.23
C CYS A 5 -2.27 -2.62 -8.80
N ILE A 6 -2.72 -3.85 -8.56
CA ILE A 6 -4.02 -4.29 -9.04
C ILE A 6 -5.02 -4.42 -7.90
N SER A 7 -4.49 -4.70 -6.70
CA SER A 7 -5.33 -4.84 -5.52
C SER A 7 -4.65 -4.19 -4.31
N ASN A 8 -4.33 -2.91 -4.45
CA ASN A 8 -3.68 -2.16 -3.38
C ASN A 8 -4.44 -2.30 -2.05
N PRO A 9 -3.90 -3.07 -1.09
CA PRO A 9 -4.52 -3.27 0.22
C PRO A 9 -4.88 -1.94 0.90
N CYS A 10 -4.17 -0.89 0.52
CA CYS A 10 -4.41 0.44 1.08
C CYS A 10 -5.85 0.88 0.81
N GLN A 11 -6.56 1.24 1.86
CA GLN A 11 -7.95 1.69 1.73
C GLN A 11 -8.02 3.20 1.68
N ASN A 12 -7.09 3.78 0.93
CA ASN A 12 -7.03 5.22 0.77
C ASN A 12 -6.42 5.57 -0.59
N ASP A 13 -6.03 6.82 -0.78
CA ASP A 13 -5.43 7.25 -2.03
C ASP A 13 -3.91 7.06 -1.99
N ALA A 14 -3.48 5.94 -1.44
CA ALA A 14 -2.06 5.64 -1.32
C ALA A 14 -1.48 5.19 -2.66
N THR A 15 -0.20 4.82 -2.64
CA THR A 15 0.49 4.36 -3.83
C THR A 15 0.97 2.92 -3.66
N CYS A 16 1.13 2.21 -4.78
CA CYS A 16 1.58 0.83 -4.74
C CYS A 16 3.11 0.75 -4.81
N LEU A 17 3.70 -0.02 -3.90
CA LEU A 17 5.14 -0.19 -3.86
C LEU A 17 5.51 -1.61 -3.46
N ASP A 18 5.24 -2.56 -4.35
CA ASP A 18 5.56 -3.96 -4.08
C ASP A 18 5.77 -4.73 -5.39
N GLN A 19 6.81 -5.55 -5.41
CA GLN A 19 7.14 -6.35 -6.60
C GLN A 19 7.44 -7.79 -6.22
N ILE A 20 6.43 -8.50 -5.74
CA ILE A 20 6.59 -9.89 -5.35
C ILE A 20 7.73 -10.06 -4.35
N GLY A 21 7.44 -9.85 -3.07
CA GLY A 21 8.46 -9.97 -2.05
C GLY A 21 8.07 -9.29 -0.76
N GLU A 22 8.28 -7.97 -0.70
CA GLU A 22 7.95 -7.19 0.48
C GLU A 22 6.90 -6.14 0.16
N PHE A 23 5.77 -6.20 0.87
CA PHE A 23 4.68 -5.26 0.66
C PHE A 23 5.00 -3.91 1.30
N GLN A 24 4.82 -2.84 0.54
CA GLN A 24 5.09 -1.49 1.05
C GLN A 24 4.02 -0.52 0.57
N CYS A 25 3.09 -0.17 1.45
CA CYS A 25 2.02 0.76 1.12
C CYS A 25 2.41 2.19 1.47
N ILE A 26 2.39 3.06 0.47
CA ILE A 26 2.73 4.46 0.68
C ILE A 26 1.51 5.29 1.06
N CYS A 27 1.25 5.39 2.36
CA CYS A 27 0.10 6.14 2.85
C CYS A 27 0.36 7.64 2.77
N MET A 28 -0.63 8.41 3.20
CA MET A 28 -0.52 9.87 3.18
C MET A 28 0.40 10.36 4.30
N PRO A 29 1.00 11.56 4.13
CA PRO A 29 1.91 12.14 5.12
C PRO A 29 1.24 12.25 6.50
N GLY A 30 1.92 11.74 7.51
CA GLY A 30 1.39 11.79 8.85
C GLY A 30 0.16 10.91 9.01
N TYR A 31 0.05 9.90 8.16
CA TYR A 31 -1.08 8.98 8.20
C TYR A 31 -0.67 7.65 8.83
N GLU A 32 -1.39 7.23 9.86
CA GLU A 32 -1.10 5.98 10.54
C GLU A 32 -1.88 4.82 9.91
N GLY A 33 -1.45 3.60 10.20
CA GLY A 33 -2.12 2.43 9.66
C GLY A 33 -1.31 1.76 8.57
N VAL A 34 -1.29 0.43 8.57
CA VAL A 34 -0.55 -0.33 7.57
C VAL A 34 -1.08 -0.06 6.17
N TYR A 35 -2.37 -0.28 5.97
CA TYR A 35 -3.00 -0.06 4.68
C TYR A 35 -3.78 1.25 4.66
N CYS A 36 -3.25 2.26 5.35
CA CYS A 36 -3.90 3.56 5.42
C CYS A 36 -5.31 3.43 6.00
N GLU A 37 -5.47 3.83 7.25
CA GLU A 37 -6.78 3.74 7.90
C GLU A 37 -6.79 4.51 9.22
N ILE A 38 -5.66 4.51 9.91
CA ILE A 38 -5.55 5.21 11.19
C ILE A 38 -5.10 6.66 11.00
N ASP A 1 10.39 -8.66 -10.95
CA ASP A 1 9.13 -8.17 -11.50
C ASP A 1 8.19 -7.73 -10.39
N VAL A 2 7.02 -7.23 -10.77
CA VAL A 2 6.03 -6.78 -9.80
C VAL A 2 4.62 -7.18 -10.22
N ASN A 3 4.07 -8.18 -9.55
CA ASN A 3 2.72 -8.66 -9.85
C ASN A 3 1.87 -8.71 -8.59
N GLU A 4 2.15 -7.81 -7.65
CA GLU A 4 1.41 -7.74 -6.40
C GLU A 4 0.61 -6.44 -6.29
N CYS A 5 0.20 -5.92 -7.44
CA CYS A 5 -0.57 -4.68 -7.47
C CYS A 5 -1.96 -4.92 -8.06
N ILE A 6 -2.48 -6.13 -7.87
CA ILE A 6 -3.80 -6.47 -8.38
C ILE A 6 -4.87 -6.22 -7.32
N SER A 7 -4.49 -6.32 -6.06
CA SER A 7 -5.41 -6.09 -4.95
C SER A 7 -4.92 -4.95 -4.06
N ASN A 8 -5.37 -3.74 -4.38
CA ASN A 8 -4.98 -2.56 -3.61
C ASN A 8 -5.27 -2.74 -2.12
N PRO A 9 -4.23 -2.91 -1.29
CA PRO A 9 -4.38 -3.10 0.15
C PRO A 9 -4.69 -1.79 0.87
N CYS A 10 -4.17 -0.69 0.33
CA CYS A 10 -4.41 0.63 0.91
C CYS A 10 -5.84 1.08 0.67
N GLN A 11 -6.54 1.42 1.76
CA GLN A 11 -7.92 1.88 1.65
C GLN A 11 -7.98 3.39 1.65
N ASN A 12 -7.07 3.99 0.89
CA ASN A 12 -6.98 5.43 0.77
C ASN A 12 -6.42 5.81 -0.60
N ASP A 13 -5.98 7.06 -0.74
CA ASP A 13 -5.43 7.52 -2.00
C ASP A 13 -3.91 7.32 -2.02
N ALA A 14 -3.46 6.19 -1.45
CA ALA A 14 -2.05 5.88 -1.39
C ALA A 14 -1.51 5.46 -2.76
N THR A 15 -0.23 5.12 -2.80
CA THR A 15 0.41 4.69 -4.04
C THR A 15 0.81 3.23 -3.97
N CYS A 16 0.90 2.58 -5.12
CA CYS A 16 1.27 1.17 -5.19
C CYS A 16 2.79 1.01 -5.32
N LEU A 17 3.40 0.43 -4.29
CA LEU A 17 4.85 0.21 -4.29
C LEU A 17 5.17 -1.18 -3.76
N ASP A 18 4.60 -2.20 -4.40
CA ASP A 18 4.82 -3.58 -3.99
C ASP A 18 6.08 -4.15 -4.64
N GLN A 19 6.61 -5.21 -4.03
CA GLN A 19 7.81 -5.86 -4.55
C GLN A 19 7.70 -7.38 -4.45
N ILE A 20 8.82 -8.07 -4.62
CA ILE A 20 8.83 -9.52 -4.55
C ILE A 20 8.70 -10.00 -3.10
N GLY A 21 7.58 -10.64 -2.80
CA GLY A 21 7.35 -11.13 -1.45
C GLY A 21 6.58 -10.15 -0.60
N GLU A 22 7.29 -9.20 -0.01
CA GLU A 22 6.68 -8.19 0.84
C GLU A 22 6.51 -6.87 0.09
N PHE A 23 5.28 -6.36 0.05
CA PHE A 23 4.99 -5.11 -0.65
C PHE A 23 5.00 -3.94 0.33
N GLN A 24 5.00 -2.73 -0.22
CA GLN A 24 5.01 -1.52 0.60
C GLN A 24 3.99 -0.50 0.11
N CYS A 25 3.12 -0.06 1.01
CA CYS A 25 2.09 0.91 0.68
C CYS A 25 2.56 2.33 1.03
N ILE A 26 2.36 3.25 0.10
CA ILE A 26 2.76 4.64 0.31
C ILE A 26 1.62 5.43 0.96
N CYS A 27 1.67 5.56 2.28
CA CYS A 27 0.65 6.28 3.02
C CYS A 27 0.77 7.78 2.80
N MET A 28 -0.03 8.54 3.55
CA MET A 28 -0.02 10.00 3.45
C MET A 28 0.93 10.61 4.48
N PRO A 29 1.33 11.87 4.28
CA PRO A 29 2.22 12.57 5.21
C PRO A 29 1.72 12.53 6.64
N GLY A 30 2.11 11.48 7.36
CA GLY A 30 1.70 11.34 8.75
C GLY A 30 0.34 10.66 8.89
N TYR A 31 0.22 9.46 8.33
CA TYR A 31 -1.04 8.72 8.38
C TYR A 31 -0.85 7.43 9.17
N GLU A 32 -1.82 7.11 10.02
CA GLU A 32 -1.77 5.90 10.84
C GLU A 32 -2.41 4.73 10.11
N GLY A 33 -2.11 3.51 10.58
CA GLY A 33 -2.66 2.32 9.96
C GLY A 33 -1.67 1.64 9.04
N VAL A 34 -1.73 0.31 9.01
CA VAL A 34 -0.83 -0.47 8.17
C VAL A 34 -0.95 -0.07 6.70
N TYR A 35 -2.18 -0.11 6.20
CA TYR A 35 -2.45 0.25 4.80
C TYR A 35 -3.29 1.52 4.72
N CYS A 36 -2.96 2.49 5.56
CA CYS A 36 -3.69 3.76 5.58
C CYS A 36 -5.17 3.52 5.84
N GLU A 37 -5.60 3.76 7.08
CA GLU A 37 -6.99 3.58 7.44
C GLU A 37 -7.23 3.98 8.91
N ILE A 38 -6.24 3.74 9.75
CA ILE A 38 -6.34 4.08 11.16
C ILE A 38 -5.85 5.51 11.43
N ASP A 1 4.25 -16.09 -13.47
CA ASP A 1 4.65 -14.79 -12.95
C ASP A 1 3.45 -13.89 -12.71
N VAL A 2 3.30 -13.43 -11.47
CA VAL A 2 2.18 -12.56 -11.11
C VAL A 2 2.60 -11.55 -10.04
N ASN A 3 2.22 -10.30 -10.24
CA ASN A 3 2.55 -9.24 -9.30
C ASN A 3 1.42 -9.04 -8.29
N GLU A 4 1.58 -8.03 -7.43
CA GLU A 4 0.57 -7.73 -6.42
C GLU A 4 0.24 -6.24 -6.42
N CYS A 5 0.30 -5.62 -7.60
CA CYS A 5 -0.01 -4.20 -7.72
C CYS A 5 -1.32 -3.99 -8.49
N ILE A 6 -2.21 -4.97 -8.42
CA ILE A 6 -3.49 -4.88 -9.09
C ILE A 6 -4.58 -4.38 -8.15
N SER A 7 -4.39 -4.65 -6.85
CA SER A 7 -5.35 -4.23 -5.84
C SER A 7 -4.65 -3.46 -4.72
N ASN A 8 -4.81 -2.14 -4.73
CA ASN A 8 -4.20 -1.29 -3.72
C ASN A 8 -4.59 -1.73 -2.32
N PRO A 9 -3.62 -2.13 -1.47
CA PRO A 9 -3.90 -2.58 -0.10
C PRO A 9 -4.48 -1.45 0.75
N CYS A 10 -3.93 -0.25 0.60
CA CYS A 10 -4.39 0.90 1.34
C CYS A 10 -5.82 1.26 0.96
N GLN A 11 -6.65 1.55 1.96
CA GLN A 11 -8.05 1.91 1.72
C GLN A 11 -8.19 3.42 1.61
N ASN A 12 -7.27 4.02 0.88
CA ASN A 12 -7.25 5.45 0.66
C ASN A 12 -6.61 5.77 -0.68
N ASP A 13 -6.21 7.02 -0.89
CA ASP A 13 -5.58 7.42 -2.13
C ASP A 13 -4.06 7.23 -2.06
N ALA A 14 -3.63 6.10 -1.52
CA ALA A 14 -2.22 5.80 -1.37
C ALA A 14 -1.61 5.38 -2.71
N THR A 15 -0.31 5.06 -2.68
CA THR A 15 0.40 4.65 -3.88
C THR A 15 0.81 3.17 -3.76
N CYS A 16 0.88 2.49 -4.89
CA CYS A 16 1.25 1.07 -4.92
C CYS A 16 2.76 0.91 -5.06
N LEU A 17 3.36 0.16 -4.15
CA LEU A 17 4.79 -0.09 -4.17
C LEU A 17 5.12 -1.47 -3.61
N ASP A 18 4.59 -2.50 -4.26
CA ASP A 18 4.81 -3.87 -3.82
C ASP A 18 6.09 -4.44 -4.42
N GLN A 19 6.69 -5.41 -3.73
CA GLN A 19 7.93 -6.03 -4.19
C GLN A 19 7.96 -7.50 -3.79
N ILE A 20 9.12 -8.13 -3.99
CA ILE A 20 9.29 -9.54 -3.65
C ILE A 20 9.03 -9.78 -2.16
N GLY A 21 8.20 -10.77 -1.86
CA GLY A 21 7.89 -11.08 -0.48
C GLY A 21 6.80 -10.20 0.09
N GLU A 22 7.15 -9.37 1.06
CA GLU A 22 6.20 -8.46 1.68
C GLU A 22 6.17 -7.12 0.95
N PHE A 23 5.00 -6.79 0.39
CA PHE A 23 4.82 -5.54 -0.35
C PHE A 23 4.82 -4.35 0.61
N GLN A 24 4.83 -3.15 0.04
CA GLN A 24 4.82 -1.93 0.83
C GLN A 24 3.93 -0.86 0.20
N CYS A 25 3.01 -0.33 0.98
CA CYS A 25 2.09 0.70 0.51
C CYS A 25 2.52 2.07 1.02
N ILE A 26 2.55 3.05 0.12
CA ILE A 26 2.95 4.41 0.50
C ILE A 26 1.73 5.23 0.94
N CYS A 27 1.56 5.35 2.25
CA CYS A 27 0.43 6.10 2.81
C CYS A 27 0.72 7.60 2.82
N MET A 28 -0.33 8.38 3.10
CA MET A 28 -0.20 9.83 3.15
C MET A 28 0.62 10.27 4.35
N PRO A 29 1.26 11.46 4.27
CA PRO A 29 2.08 11.99 5.35
C PRO A 29 1.30 12.11 6.66
N GLY A 30 1.89 11.61 7.75
CA GLY A 30 1.23 11.68 9.04
C GLY A 30 -0.01 10.80 9.11
N TYR A 31 -0.08 9.80 8.23
CA TYR A 31 -1.21 8.88 8.20
C TYR A 31 -0.85 7.56 8.84
N GLU A 32 -1.61 7.18 9.88
CA GLU A 32 -1.36 5.93 10.59
C GLU A 32 -2.15 4.78 9.97
N GLY A 33 -1.64 3.57 10.14
CA GLY A 33 -2.31 2.40 9.58
C GLY A 33 -1.46 1.66 8.57
N VAL A 34 -1.38 0.33 8.72
CA VAL A 34 -0.58 -0.48 7.80
C VAL A 34 -1.03 -0.28 6.36
N TYR A 35 -2.31 0.00 6.18
CA TYR A 35 -2.86 0.21 4.84
C TYR A 35 -3.80 1.41 4.81
N CYS A 36 -3.29 2.56 5.28
CA CYS A 36 -4.08 3.79 5.32
C CYS A 36 -5.47 3.55 5.92
N GLU A 37 -5.62 3.84 7.19
CA GLU A 37 -6.90 3.66 7.87
C GLU A 37 -6.87 4.19 9.29
N ILE A 38 -5.72 4.04 9.96
CA ILE A 38 -5.56 4.52 11.32
C ILE A 38 -5.05 5.96 11.36
N ASP A 1 0.10 -19.58 -5.03
CA ASP A 1 0.59 -18.36 -4.41
C ASP A 1 -0.54 -17.35 -4.22
N VAL A 2 -0.21 -16.21 -3.63
CA VAL A 2 -1.20 -15.16 -3.40
C VAL A 2 -0.67 -13.80 -3.84
N ASN A 3 -1.52 -13.02 -4.50
CA ASN A 3 -1.14 -11.70 -4.99
C ASN A 3 -0.84 -10.77 -3.82
N GLU A 4 -0.14 -9.67 -4.11
CA GLU A 4 0.21 -8.70 -3.08
C GLU A 4 -0.44 -7.34 -3.36
N CYS A 5 -0.48 -6.96 -4.63
CA CYS A 5 -1.07 -5.69 -5.02
C CYS A 5 -1.94 -5.85 -6.27
N ILE A 6 -3.21 -6.20 -6.06
CA ILE A 6 -4.14 -6.38 -7.16
C ILE A 6 -4.86 -5.09 -7.49
N SER A 7 -5.34 -4.40 -6.45
CA SER A 7 -6.05 -3.15 -6.62
C SER A 7 -5.74 -2.18 -5.48
N ASN A 8 -4.45 -1.91 -5.30
CA ASN A 8 -3.99 -1.01 -4.25
C ASN A 8 -4.39 -1.53 -2.86
N PRO A 9 -3.41 -1.89 -2.01
CA PRO A 9 -3.69 -2.40 -0.67
C PRO A 9 -4.30 -1.34 0.24
N CYS A 10 -3.75 -0.12 0.19
CA CYS A 10 -4.25 0.97 0.99
C CYS A 10 -5.68 1.33 0.61
N GLN A 11 -6.54 1.52 1.61
CA GLN A 11 -7.93 1.88 1.38
C GLN A 11 -8.10 3.39 1.38
N ASN A 12 -7.19 4.05 0.69
CA ASN A 12 -7.20 5.50 0.59
C ASN A 12 -6.56 5.93 -0.73
N ASP A 13 -6.16 7.19 -0.83
CA ASP A 13 -5.53 7.69 -2.04
C ASP A 13 -4.02 7.49 -2.00
N ALA A 14 -3.59 6.35 -1.44
CA ALA A 14 -2.17 6.05 -1.33
C ALA A 14 -1.63 5.48 -2.63
N THR A 15 -0.36 5.10 -2.61
CA THR A 15 0.30 4.53 -3.79
C THR A 15 0.85 3.14 -3.46
N CYS A 16 0.77 2.24 -4.44
CA CYS A 16 1.25 0.88 -4.26
C CYS A 16 2.59 0.66 -4.96
N LEU A 17 3.64 0.49 -4.16
CA LEU A 17 4.97 0.26 -4.70
C LEU A 17 5.42 -1.18 -4.44
N ASP A 18 4.67 -2.13 -5.01
CA ASP A 18 4.98 -3.54 -4.84
C ASP A 18 6.01 -4.02 -5.86
N GLN A 19 6.91 -4.88 -5.43
CA GLN A 19 7.95 -5.42 -6.30
C GLN A 19 8.11 -6.92 -6.09
N ILE A 20 9.19 -7.47 -6.64
CA ILE A 20 9.46 -8.90 -6.52
C ILE A 20 9.58 -9.31 -5.05
N GLY A 21 8.56 -9.98 -4.55
CA GLY A 21 8.57 -10.42 -3.16
C GLY A 21 7.62 -9.61 -2.29
N GLU A 22 8.18 -8.71 -1.49
CA GLU A 22 7.37 -7.87 -0.62
C GLU A 22 7.04 -6.54 -1.28
N PHE A 23 5.97 -5.91 -0.83
CA PHE A 23 5.54 -4.63 -1.38
C PHE A 23 5.52 -3.55 -0.31
N GLN A 24 5.33 -2.30 -0.74
CA GLN A 24 5.29 -1.18 0.18
C GLN A 24 4.34 -0.10 -0.30
N CYS A 25 3.29 0.16 0.49
CA CYS A 25 2.30 1.17 0.14
C CYS A 25 2.70 2.53 0.71
N ILE A 26 2.64 3.56 -0.13
CA ILE A 26 3.00 4.92 0.28
C ILE A 26 1.79 5.65 0.84
N CYS A 27 1.67 5.66 2.16
CA CYS A 27 0.56 6.34 2.82
C CYS A 27 0.81 7.84 2.92
N MET A 28 -0.21 8.57 3.38
CA MET A 28 -0.11 10.01 3.53
C MET A 28 0.73 10.38 4.76
N PRO A 29 1.48 11.49 4.66
CA PRO A 29 2.33 11.95 5.77
C PRO A 29 1.56 12.11 7.07
N GLY A 30 1.90 11.30 8.06
CA GLY A 30 1.23 11.37 9.35
C GLY A 30 -0.05 10.55 9.38
N TYR A 31 -0.17 9.60 8.46
CA TYR A 31 -1.35 8.74 8.39
C TYR A 31 -1.04 7.37 8.99
N GLU A 32 -1.86 6.95 9.95
CA GLU A 32 -1.67 5.67 10.61
C GLU A 32 -2.41 4.55 9.87
N GLY A 33 -1.98 3.31 10.11
CA GLY A 33 -2.61 2.18 9.46
C GLY A 33 -1.68 1.47 8.50
N VAL A 34 -1.60 0.15 8.61
CA VAL A 34 -0.75 -0.65 7.74
C VAL A 34 -1.04 -0.38 6.28
N TYR A 35 -2.30 -0.05 5.98
CA TYR A 35 -2.72 0.23 4.62
C TYR A 35 -3.64 1.44 4.58
N CYS A 36 -3.20 2.54 5.19
CA CYS A 36 -3.98 3.78 5.23
C CYS A 36 -5.40 3.50 5.71
N GLU A 37 -5.65 3.73 7.00
CA GLU A 37 -6.98 3.51 7.56
C GLU A 37 -7.06 4.01 9.01
N ILE A 38 -5.96 3.90 9.74
CA ILE A 38 -5.92 4.36 11.13
C ILE A 38 -5.51 5.82 11.21
N ASP A 1 8.37 -7.53 -13.24
CA ASP A 1 7.76 -8.54 -12.39
C ASP A 1 7.19 -7.91 -11.12
N VAL A 2 6.68 -6.70 -11.25
CA VAL A 2 6.11 -5.99 -10.10
C VAL A 2 4.61 -5.81 -10.27
N ASN A 3 3.84 -6.87 -9.99
CA ASN A 3 2.40 -6.83 -10.10
C ASN A 3 1.73 -7.58 -8.96
N GLU A 4 1.75 -7.00 -7.77
CA GLU A 4 1.15 -7.63 -6.59
C GLU A 4 -0.11 -6.87 -6.16
N CYS A 5 -0.13 -5.58 -6.41
CA CYS A 5 -1.27 -4.74 -6.04
C CYS A 5 -2.30 -4.70 -7.17
N ILE A 6 -3.54 -5.04 -6.83
CA ILE A 6 -4.62 -5.04 -7.81
C ILE A 6 -5.31 -3.69 -7.86
N SER A 7 -5.72 -3.20 -6.69
CA SER A 7 -6.38 -1.91 -6.59
C SER A 7 -5.89 -1.14 -5.37
N ASN A 8 -4.58 -1.06 -5.22
CA ASN A 8 -3.98 -0.36 -4.09
C ASN A 8 -4.39 -1.00 -2.76
N PRO A 9 -3.41 -1.52 -1.99
CA PRO A 9 -3.69 -2.14 -0.69
C PRO A 9 -4.26 -1.15 0.31
N CYS A 10 -3.83 0.10 0.19
CA CYS A 10 -4.29 1.15 1.09
C CYS A 10 -5.72 1.58 0.73
N GLN A 11 -6.54 1.82 1.75
CA GLN A 11 -7.91 2.24 1.54
C GLN A 11 -8.01 3.76 1.50
N ASN A 12 -7.10 4.37 0.78
CA ASN A 12 -7.04 5.81 0.64
C ASN A 12 -6.43 6.18 -0.70
N ASP A 13 -5.93 7.41 -0.82
CA ASP A 13 -5.31 7.85 -2.07
C ASP A 13 -3.81 7.55 -2.07
N ALA A 14 -3.44 6.41 -1.48
CA ALA A 14 -2.05 6.00 -1.41
C ALA A 14 -1.58 5.36 -2.71
N THR A 15 -0.36 4.87 -2.71
CA THR A 15 0.22 4.24 -3.89
C THR A 15 0.78 2.86 -3.55
N CYS A 16 0.57 1.90 -4.44
CA CYS A 16 1.05 0.54 -4.22
C CYS A 16 2.44 0.34 -4.83
N LEU A 17 3.38 -0.11 -4.02
CA LEU A 17 4.74 -0.33 -4.47
C LEU A 17 5.25 -1.69 -3.97
N ASP A 18 4.92 -2.74 -4.71
CA ASP A 18 5.33 -4.09 -4.34
C ASP A 18 6.54 -4.55 -5.16
N GLN A 19 7.31 -5.46 -4.59
CA GLN A 19 8.51 -5.98 -5.28
C GLN A 19 8.62 -7.49 -5.07
N ILE A 20 9.74 -8.05 -5.51
CA ILE A 20 9.97 -9.48 -5.37
C ILE A 20 9.91 -9.91 -3.91
N GLY A 21 8.73 -10.37 -3.48
CA GLY A 21 8.56 -10.80 -2.11
C GLY A 21 7.54 -9.96 -1.36
N GLU A 22 8.03 -9.09 -0.49
CA GLU A 22 7.16 -8.22 0.31
C GLU A 22 6.90 -6.91 -0.43
N PHE A 23 5.82 -6.23 -0.05
CA PHE A 23 5.47 -4.96 -0.68
C PHE A 23 5.25 -3.88 0.37
N GLN A 24 5.29 -2.62 -0.06
CA GLN A 24 5.10 -1.49 0.82
C GLN A 24 4.21 -0.43 0.19
N CYS A 25 3.16 -0.05 0.89
CA CYS A 25 2.23 0.97 0.39
C CYS A 25 2.66 2.36 0.81
N ILE A 26 2.50 3.32 -0.09
CA ILE A 26 2.88 4.71 0.19
C ILE A 26 1.71 5.46 0.81
N CYS A 27 1.62 5.43 2.13
CA CYS A 27 0.55 6.10 2.85
C CYS A 27 0.61 7.62 2.64
N MET A 28 -0.16 8.34 3.44
CA MET A 28 -0.21 9.80 3.35
C MET A 28 0.49 10.44 4.54
N PRO A 29 0.85 11.74 4.42
CA PRO A 29 1.52 12.47 5.51
C PRO A 29 0.76 12.40 6.82
N GLY A 30 1.42 11.87 7.85
CA GLY A 30 0.79 11.75 9.15
C GLY A 30 -0.37 10.78 9.15
N TYR A 31 -0.29 9.76 8.30
CA TYR A 31 -1.34 8.76 8.20
C TYR A 31 -0.85 7.41 8.71
N GLU A 32 -1.46 6.93 9.80
CA GLU A 32 -1.07 5.66 10.40
C GLU A 32 -1.87 4.51 9.80
N GLY A 33 -1.47 3.28 10.16
CA GLY A 33 -2.15 2.10 9.65
C GLY A 33 -1.31 1.35 8.64
N VAL A 34 -1.37 0.02 8.69
CA VAL A 34 -0.61 -0.81 7.76
C VAL A 34 -0.87 -0.41 6.31
N TYR A 35 -2.13 -0.12 6.00
CA TYR A 35 -2.51 0.27 4.65
C TYR A 35 -3.42 1.49 4.68
N CYS A 36 -2.98 2.54 5.36
CA CYS A 36 -3.77 3.78 5.48
C CYS A 36 -5.21 3.48 5.88
N GLU A 37 -5.49 3.57 7.17
CA GLU A 37 -6.83 3.31 7.67
C GLU A 37 -6.97 3.79 9.12
N ILE A 38 -5.90 3.65 9.89
CA ILE A 38 -5.91 4.06 11.29
C ILE A 38 -5.47 5.51 11.44
N ASP A 1 3.35 -12.58 -13.81
CA ASP A 1 4.50 -11.79 -13.42
C ASP A 1 4.11 -10.74 -12.37
N VAL A 2 2.90 -10.20 -12.50
CA VAL A 2 2.41 -9.21 -11.56
C VAL A 2 1.04 -9.59 -11.03
N ASN A 3 0.96 -9.80 -9.71
CA ASN A 3 -0.30 -10.18 -9.08
C ASN A 3 -0.38 -9.64 -7.65
N GLU A 4 0.40 -8.59 -7.38
CA GLU A 4 0.42 -7.99 -6.05
C GLU A 4 -0.06 -6.54 -6.11
N CYS A 5 0.03 -5.92 -7.28
CA CYS A 5 -0.41 -4.53 -7.45
C CYS A 5 -1.83 -4.47 -7.99
N ILE A 6 -2.63 -5.47 -7.66
CA ILE A 6 -4.02 -5.52 -8.12
C ILE A 6 -4.98 -5.10 -7.01
N SER A 7 -4.54 -5.26 -5.76
CA SER A 7 -5.36 -4.91 -4.60
C SER A 7 -4.57 -4.03 -3.63
N ASN A 8 -4.57 -2.72 -3.89
CA ASN A 8 -3.86 -1.78 -3.05
C ASN A 8 -4.29 -1.91 -1.58
N PRO A 9 -3.42 -2.45 -0.72
CA PRO A 9 -3.72 -2.62 0.70
C PRO A 9 -4.27 -1.35 1.33
N CYS A 10 -3.72 -0.21 0.92
CA CYS A 10 -4.17 1.08 1.45
C CYS A 10 -5.61 1.36 1.05
N GLN A 11 -6.36 2.01 1.94
CA GLN A 11 -7.76 2.31 1.67
C GLN A 11 -8.03 3.81 1.75
N ASN A 12 -7.25 4.59 1.02
CA ASN A 12 -7.40 6.04 1.00
C ASN A 12 -6.97 6.62 -0.35
N ASP A 13 -5.71 7.01 -0.44
CA ASP A 13 -5.17 7.58 -1.69
C ASP A 13 -3.69 7.27 -1.82
N ALA A 14 -3.26 6.14 -1.27
CA ALA A 14 -1.87 5.73 -1.33
C ALA A 14 -1.46 5.37 -2.75
N THR A 15 -0.21 4.92 -2.89
CA THR A 15 0.32 4.52 -4.19
C THR A 15 0.80 3.07 -4.16
N CYS A 16 0.93 2.47 -5.34
CA CYS A 16 1.37 1.09 -5.44
C CYS A 16 2.89 1.00 -5.54
N LEU A 17 3.48 0.11 -4.76
CA LEU A 17 4.93 -0.09 -4.75
C LEU A 17 5.29 -1.45 -4.18
N ASP A 18 4.51 -2.47 -4.55
CA ASP A 18 4.74 -3.82 -4.06
C ASP A 18 5.85 -4.51 -4.86
N GLN A 19 6.50 -5.49 -4.23
CA GLN A 19 7.57 -6.23 -4.88
C GLN A 19 7.52 -7.70 -4.50
N ILE A 20 8.52 -8.46 -4.94
CA ILE A 20 8.57 -9.89 -4.65
C ILE A 20 8.46 -10.15 -3.15
N GLY A 21 7.67 -11.16 -2.78
CA GLY A 21 7.50 -11.49 -1.38
C GLY A 21 6.77 -10.40 -0.62
N GLU A 22 7.51 -9.40 -0.15
CA GLU A 22 6.93 -8.29 0.59
C GLU A 22 6.60 -7.12 -0.35
N PHE A 23 5.79 -6.19 0.15
CA PHE A 23 5.40 -5.03 -0.64
C PHE A 23 5.52 -3.76 0.18
N GLN A 24 5.20 -2.62 -0.46
CA GLN A 24 5.27 -1.33 0.21
C GLN A 24 4.25 -0.36 -0.36
N CYS A 25 3.33 0.09 0.49
CA CYS A 25 2.29 1.02 0.08
C CYS A 25 2.59 2.42 0.62
N ILE A 26 2.41 3.43 -0.23
CA ILE A 26 2.69 4.82 0.16
C ILE A 26 1.45 5.48 0.75
N CYS A 27 1.31 5.41 2.07
CA CYS A 27 0.19 6.03 2.76
C CYS A 27 0.40 7.53 2.90
N MET A 28 -0.68 8.26 3.17
CA MET A 28 -0.60 9.71 3.33
C MET A 28 0.36 10.09 4.45
N PRO A 29 1.10 11.20 4.28
CA PRO A 29 2.07 11.67 5.29
C PRO A 29 1.39 12.01 6.62
N GLY A 30 1.86 11.38 7.69
CA GLY A 30 1.29 11.62 9.00
C GLY A 30 0.00 10.86 9.23
N TYR A 31 -0.17 9.76 8.52
CA TYR A 31 -1.37 8.94 8.64
C TYR A 31 -1.13 7.78 9.61
N GLU A 32 -2.18 7.01 9.88
CA GLU A 32 -2.08 5.87 10.78
C GLU A 32 -2.66 4.61 10.13
N GLY A 33 -2.31 3.45 10.69
CA GLY A 33 -2.79 2.20 10.16
C GLY A 33 -1.71 1.39 9.47
N VAL A 34 -1.86 0.08 9.45
CA VAL A 34 -0.89 -0.81 8.82
C VAL A 34 -0.71 -0.46 7.35
N TYR A 35 -1.79 -0.05 6.70
CA TYR A 35 -1.75 0.31 5.29
C TYR A 35 -2.10 1.78 5.08
N CYS A 36 -3.37 2.11 5.30
CA CYS A 36 -3.83 3.48 5.13
C CYS A 36 -5.33 3.56 5.42
N GLU A 37 -5.69 3.36 6.68
CA GLU A 37 -7.09 3.38 7.09
C GLU A 37 -7.26 4.08 8.44
N ILE A 38 -6.29 3.89 9.33
CA ILE A 38 -6.34 4.50 10.65
C ILE A 38 -5.68 5.88 10.65
N ASP A 1 6.71 -14.60 0.63
CA ASP A 1 5.49 -13.87 0.33
C ASP A 1 5.71 -12.85 -0.78
N VAL A 2 5.00 -13.02 -1.89
CA VAL A 2 5.13 -12.12 -3.02
C VAL A 2 3.76 -11.74 -3.58
N ASN A 3 3.70 -10.62 -4.29
CA ASN A 3 2.45 -10.15 -4.87
C ASN A 3 1.41 -9.88 -3.79
N GLU A 4 1.45 -8.68 -3.21
CA GLU A 4 0.51 -8.32 -2.16
C GLU A 4 -0.45 -7.25 -2.67
N CYS A 5 0.04 -6.35 -3.51
CA CYS A 5 -0.78 -5.28 -4.06
C CYS A 5 -1.35 -5.66 -5.41
N ILE A 6 -2.31 -6.59 -5.40
CA ILE A 6 -2.94 -7.05 -6.63
C ILE A 6 -4.15 -6.21 -6.98
N SER A 7 -4.88 -5.77 -5.96
CA SER A 7 -6.07 -4.96 -6.17
C SER A 7 -6.10 -3.80 -5.18
N ASN A 8 -5.01 -3.04 -5.13
CA ASN A 8 -4.90 -1.88 -4.25
C ASN A 8 -5.35 -2.23 -2.82
N PRO A 9 -4.40 -2.65 -1.97
CA PRO A 9 -4.71 -3.00 -0.58
C PRO A 9 -4.98 -1.78 0.28
N CYS A 10 -4.32 -0.67 -0.04
CA CYS A 10 -4.50 0.57 0.70
C CYS A 10 -5.89 1.15 0.44
N GLN A 11 -6.62 1.43 1.51
CA GLN A 11 -7.98 1.98 1.38
C GLN A 11 -7.96 3.49 1.45
N ASN A 12 -6.99 4.08 0.79
CA ASN A 12 -6.83 5.53 0.76
C ASN A 12 -6.17 5.96 -0.56
N ASP A 13 -5.62 7.18 -0.58
CA ASP A 13 -4.96 7.69 -1.76
C ASP A 13 -3.47 7.35 -1.75
N ALA A 14 -3.13 6.23 -1.11
CA ALA A 14 -1.74 5.79 -1.03
C ALA A 14 -1.21 5.39 -2.39
N THR A 15 0.04 4.92 -2.41
CA THR A 15 0.68 4.50 -3.65
C THR A 15 1.02 3.01 -3.60
N CYS A 16 0.74 2.31 -4.70
CA CYS A 16 1.01 0.88 -4.79
C CYS A 16 2.42 0.63 -5.32
N LEU A 17 3.40 0.64 -4.43
CA LEU A 17 4.79 0.41 -4.81
C LEU A 17 5.13 -1.07 -4.71
N ASP A 18 4.52 -1.87 -5.57
CA ASP A 18 4.75 -3.32 -5.59
C ASP A 18 4.61 -3.88 -6.99
N GLN A 19 5.72 -4.30 -7.58
CA GLN A 19 5.72 -4.87 -8.92
C GLN A 19 5.95 -6.38 -8.87
N ILE A 20 4.92 -7.12 -8.46
CA ILE A 20 5.01 -8.57 -8.37
C ILE A 20 6.24 -9.00 -7.58
N GLY A 21 6.29 -8.60 -6.31
CA GLY A 21 7.42 -8.96 -5.47
C GLY A 21 7.29 -8.39 -4.07
N GLU A 22 7.94 -7.26 -3.83
CA GLU A 22 7.90 -6.61 -2.52
C GLU A 22 6.76 -5.60 -2.45
N PHE A 23 5.98 -5.67 -1.37
CA PHE A 23 4.86 -4.75 -1.19
C PHE A 23 5.28 -3.52 -0.38
N GLN A 24 4.89 -2.35 -0.85
CA GLN A 24 5.23 -1.10 -0.17
C GLN A 24 4.15 -0.04 -0.41
N CYS A 25 3.26 0.11 0.56
CA CYS A 25 2.18 1.10 0.45
C CYS A 25 2.62 2.43 1.04
N ILE A 26 2.55 3.48 0.22
CA ILE A 26 2.95 4.81 0.66
C ILE A 26 1.77 5.56 1.27
N CYS A 27 1.81 5.73 2.59
CA CYS A 27 0.74 6.42 3.30
C CYS A 27 0.80 7.92 3.06
N MET A 28 0.00 8.66 3.82
CA MET A 28 -0.06 10.11 3.71
C MET A 28 0.81 10.77 4.78
N PRO A 29 1.17 12.05 4.58
CA PRO A 29 2.01 12.79 5.54
C PRO A 29 1.47 12.69 6.97
N GLY A 30 1.95 11.68 7.70
CA GLY A 30 1.51 11.50 9.07
C GLY A 30 0.18 10.77 9.16
N TYR A 31 0.11 9.59 8.56
CA TYR A 31 -1.12 8.80 8.57
C TYR A 31 -0.95 7.56 9.45
N GLU A 32 -2.07 6.94 9.81
CA GLU A 32 -2.04 5.75 10.66
C GLU A 32 -2.63 4.55 9.92
N GLY A 33 -2.14 3.36 10.27
CA GLY A 33 -2.64 2.14 9.64
C GLY A 33 -1.63 1.55 8.67
N VAL A 34 -1.54 0.23 8.64
CA VAL A 34 -0.62 -0.46 7.75
C VAL A 34 -0.83 -0.04 6.29
N TYR A 35 -2.03 -0.32 5.78
CA TYR A 35 -2.37 0.03 4.40
C TYR A 35 -3.13 1.36 4.36
N CYS A 36 -2.88 2.22 5.33
CA CYS A 36 -3.54 3.51 5.40
C CYS A 36 -5.05 3.34 5.50
N GLU A 37 -5.60 3.64 6.68
CA GLU A 37 -7.03 3.52 6.91
C GLU A 37 -7.38 3.93 8.34
N ILE A 38 -6.47 3.69 9.27
CA ILE A 38 -6.68 4.03 10.67
C ILE A 38 -6.21 5.45 10.98
N ASP A 1 5.43 -6.39 -14.94
CA ASP A 1 5.95 -6.52 -13.59
C ASP A 1 4.88 -6.18 -12.55
N VAL A 2 4.10 -7.19 -12.17
CA VAL A 2 3.04 -7.01 -11.19
C VAL A 2 3.03 -8.13 -10.16
N ASN A 3 3.52 -7.83 -8.96
CA ASN A 3 3.58 -8.82 -7.89
C ASN A 3 2.34 -8.73 -6.99
N GLU A 4 2.16 -7.57 -6.39
CA GLU A 4 1.02 -7.34 -5.50
C GLU A 4 0.31 -6.03 -5.84
N CYS A 5 0.37 -5.64 -7.10
CA CYS A 5 -0.25 -4.40 -7.55
C CYS A 5 -1.57 -4.69 -8.26
N ILE A 6 -2.17 -5.83 -7.96
CA ILE A 6 -3.44 -6.21 -8.57
C ILE A 6 -4.60 -6.01 -7.60
N SER A 7 -4.29 -6.08 -6.31
CA SER A 7 -5.31 -5.90 -5.28
C SER A 7 -4.90 -4.80 -4.30
N ASN A 8 -5.22 -3.56 -4.64
CA ASN A 8 -4.89 -2.42 -3.80
C ASN A 8 -5.29 -2.65 -2.34
N PRO A 9 -4.32 -2.92 -1.45
CA PRO A 9 -4.60 -3.16 -0.03
C PRO A 9 -4.91 -1.87 0.72
N CYS A 10 -4.35 -0.77 0.24
CA CYS A 10 -4.57 0.54 0.85
C CYS A 10 -6.00 1.01 0.63
N GLN A 11 -6.68 1.38 1.71
CA GLN A 11 -8.05 1.85 1.61
C GLN A 11 -8.09 3.37 1.61
N ASN A 12 -7.17 3.95 0.87
CA ASN A 12 -7.06 5.40 0.76
C ASN A 12 -6.48 5.77 -0.61
N ASP A 13 -6.04 7.02 -0.74
CA ASP A 13 -5.46 7.49 -1.99
C ASP A 13 -3.94 7.27 -2.00
N ALA A 14 -3.51 6.14 -1.43
CA ALA A 14 -2.10 5.81 -1.36
C ALA A 14 -1.56 5.39 -2.72
N THR A 15 -0.28 5.03 -2.76
CA THR A 15 0.37 4.60 -4.00
C THR A 15 0.77 3.14 -3.90
N CYS A 16 0.86 2.48 -5.05
CA CYS A 16 1.22 1.06 -5.09
C CYS A 16 2.73 0.89 -5.22
N LEU A 17 3.35 0.47 -4.12
CA LEU A 17 4.80 0.25 -4.10
C LEU A 17 5.12 -1.14 -3.57
N ASP A 18 4.64 -2.16 -4.28
CA ASP A 18 4.88 -3.54 -3.89
C ASP A 18 6.15 -4.10 -4.52
N GLN A 19 6.72 -5.12 -3.89
CA GLN A 19 7.94 -5.74 -4.39
C GLN A 19 7.89 -7.26 -4.19
N ILE A 20 9.04 -7.90 -4.35
CA ILE A 20 9.12 -9.35 -4.18
C ILE A 20 8.76 -9.77 -2.77
N GLY A 21 7.87 -10.75 -2.65
CA GLY A 21 7.45 -11.21 -1.34
C GLY A 21 6.53 -10.25 -0.64
N GLU A 22 7.09 -9.44 0.25
CA GLU A 22 6.32 -8.45 1.00
C GLU A 22 6.26 -7.12 0.25
N PHE A 23 5.08 -6.52 0.19
CA PHE A 23 4.90 -5.25 -0.50
C PHE A 23 4.91 -4.09 0.49
N GLN A 24 4.79 -2.88 -0.04
CA GLN A 24 4.79 -1.68 0.80
C GLN A 24 3.82 -0.63 0.25
N CYS A 25 2.94 -0.14 1.13
CA CYS A 25 1.97 0.87 0.74
C CYS A 25 2.46 2.26 1.10
N ILE A 26 2.32 3.19 0.17
CA ILE A 26 2.75 4.58 0.39
C ILE A 26 1.62 5.39 0.98
N CYS A 27 1.63 5.54 2.31
CA CYS A 27 0.60 6.29 3.01
C CYS A 27 0.81 7.80 2.85
N MET A 28 -0.04 8.58 3.52
CA MET A 28 0.03 10.02 3.47
C MET A 28 0.97 10.56 4.55
N PRO A 29 1.55 11.75 4.33
CA PRO A 29 2.46 12.38 5.30
C PRO A 29 1.82 12.53 6.67
N GLY A 30 2.04 11.53 7.53
CA GLY A 30 1.47 11.58 8.87
C GLY A 30 0.17 10.80 8.97
N TYR A 31 0.10 9.68 8.27
CA TYR A 31 -1.10 8.85 8.28
C TYR A 31 -0.84 7.53 9.01
N GLU A 32 -1.73 7.18 9.93
CA GLU A 32 -1.59 5.95 10.70
C GLU A 32 -2.27 4.78 10.01
N GLY A 33 -1.89 3.57 10.39
CA GLY A 33 -2.47 2.38 9.79
C GLY A 33 -1.55 1.72 8.79
N VAL A 34 -1.54 0.39 8.77
CA VAL A 34 -0.70 -0.36 7.85
C VAL A 34 -0.99 0.01 6.41
N TYR A 35 -2.23 -0.23 5.98
CA TYR A 35 -2.65 0.07 4.63
C TYR A 35 -3.46 1.37 4.59
N CYS A 36 -3.07 2.32 5.43
CA CYS A 36 -3.76 3.60 5.50
C CYS A 36 -5.22 3.41 5.88
N GLU A 37 -5.54 3.74 7.13
CA GLU A 37 -6.90 3.60 7.63
C GLU A 37 -7.02 4.13 9.06
N ILE A 38 -5.97 3.95 9.85
CA ILE A 38 -5.96 4.41 11.23
C ILE A 38 -5.43 5.84 11.32
N ASP A 1 -8.18 -12.94 -1.99
CA ASP A 1 -8.72 -11.66 -2.42
C ASP A 1 -7.60 -10.69 -2.76
N VAL A 2 -6.48 -10.82 -2.04
CA VAL A 2 -5.33 -9.94 -2.26
C VAL A 2 -4.02 -10.68 -1.99
N ASN A 3 -3.03 -10.46 -2.84
CA ASN A 3 -1.73 -11.10 -2.68
C ASN A 3 -0.65 -10.07 -2.34
N GLU A 4 -0.62 -8.98 -3.10
CA GLU A 4 0.36 -7.92 -2.87
C GLU A 4 -0.24 -6.55 -3.20
N CYS A 5 -0.37 -6.27 -4.49
CA CYS A 5 -0.93 -4.99 -4.94
C CYS A 5 -1.66 -5.16 -6.26
N ILE A 6 -2.85 -5.75 -6.22
CA ILE A 6 -3.64 -5.97 -7.41
C ILE A 6 -4.57 -4.77 -7.68
N SER A 7 -5.13 -4.22 -6.61
CA SER A 7 -6.02 -3.08 -6.71
C SER A 7 -5.79 -2.11 -5.55
N ASN A 8 -4.54 -1.71 -5.36
CA ASN A 8 -4.18 -0.79 -4.29
C ASN A 8 -4.59 -1.36 -2.92
N PRO A 9 -3.62 -1.80 -2.11
CA PRO A 9 -3.90 -2.36 -0.78
C PRO A 9 -4.45 -1.32 0.17
N CYS A 10 -3.82 -0.15 0.20
CA CYS A 10 -4.24 0.94 1.06
C CYS A 10 -5.66 1.36 0.73
N GLN A 11 -6.48 1.57 1.77
CA GLN A 11 -7.86 1.99 1.57
C GLN A 11 -7.96 3.51 1.60
N ASN A 12 -7.04 4.14 0.90
CA ASN A 12 -7.00 5.60 0.81
C ASN A 12 -6.40 6.01 -0.53
N ASP A 13 -5.94 7.26 -0.63
CA ASP A 13 -5.34 7.74 -1.87
C ASP A 13 -3.83 7.49 -1.88
N ALA A 14 -3.44 6.30 -1.41
CA ALA A 14 -2.04 5.93 -1.37
C ALA A 14 -1.52 5.54 -2.74
N THR A 15 -0.26 5.11 -2.79
CA THR A 15 0.36 4.70 -4.05
C THR A 15 0.85 3.26 -3.96
N CYS A 16 0.89 2.58 -5.10
CA CYS A 16 1.35 1.19 -5.15
C CYS A 16 2.85 1.11 -5.38
N LEU A 17 3.47 0.07 -4.83
CA LEU A 17 4.91 -0.14 -4.97
C LEU A 17 5.29 -1.54 -4.48
N ASP A 18 4.57 -2.54 -4.95
CA ASP A 18 4.83 -3.92 -4.56
C ASP A 18 5.96 -4.52 -5.39
N GLN A 19 6.74 -5.40 -4.78
CA GLN A 19 7.86 -6.04 -5.46
C GLN A 19 7.84 -7.56 -5.23
N ILE A 20 8.92 -8.23 -5.61
CA ILE A 20 9.02 -9.67 -5.44
C ILE A 20 9.15 -10.04 -3.98
N GLY A 21 8.11 -10.67 -3.43
CA GLY A 21 8.13 -11.08 -2.04
C GLY A 21 7.30 -10.16 -1.17
N GLU A 22 7.91 -9.08 -0.69
CA GLU A 22 7.22 -8.12 0.17
C GLU A 22 6.94 -6.83 -0.60
N PHE A 23 5.71 -6.32 -0.45
CA PHE A 23 5.32 -5.09 -1.13
C PHE A 23 5.35 -3.90 -0.17
N GLN A 24 5.19 -2.70 -0.72
CA GLN A 24 5.21 -1.49 0.09
C GLN A 24 4.21 -0.46 -0.45
N CYS A 25 3.32 0.00 0.42
CA CYS A 25 2.32 0.98 0.05
C CYS A 25 2.70 2.37 0.56
N ILE A 26 2.50 3.39 -0.28
CA ILE A 26 2.82 4.76 0.10
C ILE A 26 1.63 5.42 0.77
N CYS A 27 1.71 5.59 2.08
CA CYS A 27 0.64 6.20 2.84
C CYS A 27 0.85 7.70 3.00
N MET A 28 -0.17 8.39 3.50
CA MET A 28 -0.10 9.83 3.71
C MET A 28 0.96 10.19 4.75
N PRO A 29 1.44 11.44 4.75
CA PRO A 29 2.47 11.91 5.68
C PRO A 29 2.12 11.62 7.14
N GLY A 30 1.06 12.25 7.63
CA GLY A 30 0.63 12.04 9.01
C GLY A 30 -0.62 11.19 9.11
N TYR A 31 -0.48 9.92 8.74
CA TYR A 31 -1.60 8.99 8.79
C TYR A 31 -1.23 7.73 9.56
N GLU A 32 -2.24 7.04 10.08
CA GLU A 32 -2.01 5.82 10.84
C GLU A 32 -2.66 4.62 10.15
N GLY A 33 -2.09 3.44 10.39
CA GLY A 33 -2.62 2.23 9.78
C GLY A 33 -1.61 1.55 8.87
N VAL A 34 -1.59 0.22 8.89
CA VAL A 34 -0.67 -0.54 8.05
C VAL A 34 -0.88 -0.23 6.57
N TYR A 35 -2.12 0.03 6.20
CA TYR A 35 -2.45 0.34 4.82
C TYR A 35 -3.44 1.50 4.73
N CYS A 36 -3.10 2.62 5.36
CA CYS A 36 -3.96 3.80 5.35
C CYS A 36 -5.39 3.44 5.72
N GLU A 37 -5.75 3.62 6.99
CA GLU A 37 -7.09 3.31 7.45
C GLU A 37 -7.26 3.67 8.93
N ILE A 38 -6.21 3.47 9.72
CA ILE A 38 -6.25 3.77 11.14
C ILE A 38 -5.83 5.22 11.41
N ASP A 1 5.48 -12.48 1.78
CA ASP A 1 5.82 -13.68 1.02
C ASP A 1 5.11 -13.69 -0.33
N VAL A 2 3.90 -13.13 -0.34
CA VAL A 2 3.10 -13.07 -1.57
C VAL A 2 2.72 -11.64 -1.92
N ASN A 3 2.29 -11.43 -3.16
CA ASN A 3 1.89 -10.10 -3.61
C ASN A 3 0.47 -9.78 -3.20
N GLU A 4 0.32 -8.93 -2.19
CA GLU A 4 -1.00 -8.55 -1.69
C GLU A 4 -1.43 -7.20 -2.26
N CYS A 5 -0.94 -6.89 -3.46
CA CYS A 5 -1.28 -5.63 -4.12
C CYS A 5 -1.87 -5.89 -5.51
N ILE A 6 -2.96 -6.64 -5.55
CA ILE A 6 -3.62 -6.96 -6.80
C ILE A 6 -4.72 -5.94 -7.13
N SER A 7 -5.40 -5.47 -6.09
CA SER A 7 -6.46 -4.50 -6.26
C SER A 7 -6.33 -3.36 -5.25
N ASN A 8 -5.16 -2.72 -5.24
CA ASN A 8 -4.90 -1.62 -4.33
C ASN A 8 -5.11 -2.04 -2.87
N PRO A 9 -4.02 -2.39 -2.17
CA PRO A 9 -4.09 -2.82 -0.77
C PRO A 9 -4.41 -1.66 0.16
N CYS A 10 -3.96 -0.47 -0.20
CA CYS A 10 -4.20 0.73 0.59
C CYS A 10 -5.62 1.23 0.38
N GLN A 11 -6.34 1.45 1.48
CA GLN A 11 -7.73 1.94 1.39
C GLN A 11 -7.76 3.45 1.52
N ASN A 12 -6.84 4.10 0.83
CA ASN A 12 -6.74 5.55 0.85
C ASN A 12 -6.17 6.05 -0.48
N ASP A 13 -5.69 7.29 -0.50
CA ASP A 13 -5.10 7.86 -1.70
C ASP A 13 -3.60 7.58 -1.76
N ALA A 14 -3.18 6.48 -1.12
CA ALA A 14 -1.79 6.09 -1.08
C ALA A 14 -1.32 5.56 -2.43
N THR A 15 -0.08 5.10 -2.48
CA THR A 15 0.50 4.55 -3.70
C THR A 15 1.10 3.17 -3.44
N CYS A 16 0.72 2.20 -4.27
CA CYS A 16 1.22 0.84 -4.11
C CYS A 16 2.39 0.59 -5.05
N LEU A 17 3.52 0.17 -4.47
CA LEU A 17 4.72 -0.13 -5.25
C LEU A 17 5.13 -1.58 -5.08
N ASP A 18 4.46 -2.48 -5.78
CA ASP A 18 4.75 -3.90 -5.70
C ASP A 18 5.53 -4.38 -6.93
N GLN A 19 6.59 -5.14 -6.68
CA GLN A 19 7.41 -5.66 -7.76
C GLN A 19 7.88 -7.08 -7.46
N ILE A 20 6.95 -8.04 -7.60
CA ILE A 20 7.27 -9.45 -7.35
C ILE A 20 7.87 -9.63 -5.96
N GLY A 21 7.03 -9.95 -4.99
CA GLY A 21 7.51 -10.15 -3.63
C GLY A 21 6.89 -9.18 -2.65
N GLU A 22 7.73 -8.49 -1.89
CA GLU A 22 7.27 -7.52 -0.91
C GLU A 22 7.14 -6.13 -1.53
N PHE A 23 6.01 -5.47 -1.29
CA PHE A 23 5.76 -4.14 -1.82
C PHE A 23 5.81 -3.10 -0.71
N GLN A 24 5.45 -1.86 -1.05
CA GLN A 24 5.45 -0.77 -0.09
C GLN A 24 4.35 0.25 -0.41
N CYS A 25 3.47 0.48 0.55
CA CYS A 25 2.38 1.43 0.37
C CYS A 25 2.80 2.82 0.82
N ILE A 26 2.56 3.82 -0.03
CA ILE A 26 2.92 5.19 0.27
C ILE A 26 1.77 5.90 0.99
N CYS A 27 1.76 5.79 2.30
CA CYS A 27 0.70 6.41 3.11
C CYS A 27 0.67 7.92 2.91
N MET A 28 -0.04 8.61 3.79
CA MET A 28 -0.16 10.06 3.72
C MET A 28 0.60 10.72 4.87
N PRO A 29 0.91 12.02 4.74
CA PRO A 29 1.65 12.77 5.76
C PRO A 29 1.03 12.62 7.14
N GLY A 30 1.52 11.64 7.90
CA GLY A 30 0.99 11.40 9.24
C GLY A 30 -0.26 10.55 9.23
N TYR A 31 -0.20 9.40 8.56
CA TYR A 31 -1.34 8.50 8.47
C TYR A 31 -1.01 7.15 9.09
N GLU A 32 -1.73 6.78 10.14
CA GLU A 32 -1.50 5.50 10.81
C GLU A 32 -2.35 4.40 10.20
N GLY A 33 -2.04 3.15 10.56
CA GLY A 33 -2.79 2.02 10.04
C GLY A 33 -2.12 1.38 8.84
N VAL A 34 -2.07 0.07 8.81
CA VAL A 34 -1.45 -0.66 7.71
C VAL A 34 -2.09 -0.28 6.38
N TYR A 35 -1.25 0.09 5.40
CA TYR A 35 -1.73 0.47 4.09
C TYR A 35 -2.69 1.66 4.18
N CYS A 36 -2.51 2.48 5.22
CA CYS A 36 -3.35 3.65 5.43
C CYS A 36 -4.81 3.24 5.65
N GLU A 37 -5.32 3.50 6.84
CA GLU A 37 -6.70 3.17 7.17
C GLU A 37 -7.13 3.89 8.45
N ILE A 38 -6.36 3.70 9.52
CA ILE A 38 -6.67 4.32 10.79
C ILE A 38 -6.01 5.69 10.92
N ASP A 1 6.33 -8.17 -14.35
CA ASP A 1 7.24 -7.46 -13.46
C ASP A 1 6.47 -6.78 -12.33
N VAL A 2 5.26 -6.32 -12.63
CA VAL A 2 4.43 -5.66 -11.64
C VAL A 2 3.47 -6.64 -10.98
N ASN A 3 3.92 -7.23 -9.88
CA ASN A 3 3.09 -8.20 -9.15
C ASN A 3 2.68 -7.65 -7.79
N GLU A 4 1.63 -8.24 -7.22
CA GLU A 4 1.13 -7.81 -5.92
C GLU A 4 0.61 -6.37 -5.96
N CYS A 5 0.37 -5.86 -7.16
CA CYS A 5 -0.14 -4.50 -7.34
C CYS A 5 -1.51 -4.52 -8.02
N ILE A 6 -2.20 -5.64 -7.95
CA ILE A 6 -3.52 -5.78 -8.55
C ILE A 6 -4.61 -5.42 -7.56
N SER A 7 -4.33 -5.66 -6.28
CA SER A 7 -5.29 -5.36 -5.22
C SER A 7 -4.69 -4.37 -4.22
N ASN A 8 -4.87 -3.08 -4.48
CA ASN A 8 -4.35 -2.03 -3.61
C ASN A 8 -4.74 -2.28 -2.16
N PRO A 9 -3.77 -2.65 -1.30
CA PRO A 9 -4.02 -2.91 0.12
C PRO A 9 -4.41 -1.64 0.87
N CYS A 10 -3.83 -0.51 0.46
CA CYS A 10 -4.11 0.77 1.09
C CYS A 10 -5.56 1.17 0.85
N GLN A 11 -6.27 1.49 1.93
CA GLN A 11 -7.67 1.90 1.83
C GLN A 11 -7.78 3.42 1.78
N ASN A 12 -6.92 4.02 0.99
CA ASN A 12 -6.89 5.47 0.83
C ASN A 12 -6.38 5.83 -0.55
N ASP A 13 -5.98 7.08 -0.74
CA ASP A 13 -5.46 7.54 -2.02
C ASP A 13 -3.94 7.36 -2.06
N ALA A 14 -3.45 6.30 -1.42
CA ALA A 14 -2.03 6.03 -1.38
C ALA A 14 -1.51 5.55 -2.73
N THR A 15 -0.22 5.21 -2.78
CA THR A 15 0.40 4.75 -4.01
C THR A 15 0.82 3.28 -3.88
N CYS A 16 0.83 2.56 -5.00
CA CYS A 16 1.21 1.15 -5.01
C CYS A 16 2.71 1.00 -5.23
N LEU A 17 3.39 0.42 -4.25
CA LEU A 17 4.83 0.20 -4.34
C LEU A 17 5.19 -1.22 -3.94
N ASP A 18 4.77 -2.18 -4.75
CA ASP A 18 5.05 -3.59 -4.48
C ASP A 18 5.34 -4.35 -5.76
N GLN A 19 6.02 -5.50 -5.63
CA GLN A 19 6.35 -6.32 -6.78
C GLN A 19 6.32 -7.80 -6.42
N ILE A 20 6.66 -8.65 -7.37
CA ILE A 20 6.66 -10.09 -7.16
C ILE A 20 7.58 -10.47 -6.00
N GLY A 21 7.02 -10.53 -4.80
CA GLY A 21 7.80 -10.89 -3.63
C GLY A 21 7.87 -9.76 -2.61
N GLU A 22 7.76 -8.52 -3.10
CA GLU A 22 7.82 -7.35 -2.23
C GLU A 22 6.41 -6.86 -1.88
N PHE A 23 6.34 -5.86 -1.02
CA PHE A 23 5.05 -5.30 -0.61
C PHE A 23 5.25 -4.07 0.26
N GLN A 24 4.84 -2.91 -0.24
CA GLN A 24 4.98 -1.66 0.49
C GLN A 24 3.87 -0.68 0.13
N CYS A 25 3.18 -0.16 1.14
CA CYS A 25 2.10 0.79 0.93
C CYS A 25 2.58 2.21 1.19
N ILE A 26 2.39 3.08 0.22
CA ILE A 26 2.80 4.48 0.36
C ILE A 26 1.68 5.32 0.94
N CYS A 27 1.55 5.28 2.27
CA CYS A 27 0.51 6.03 2.96
C CYS A 27 0.64 7.52 2.69
N MET A 28 -0.13 8.31 3.45
CA MET A 28 -0.11 9.77 3.30
C MET A 28 0.81 10.41 4.35
N PRO A 29 1.23 11.66 4.10
CA PRO A 29 2.12 12.38 5.02
C PRO A 29 1.58 12.41 6.44
N GLY A 30 2.00 11.41 7.24
CA GLY A 30 1.56 11.34 8.61
C GLY A 30 0.22 10.65 8.74
N TYR A 31 0.11 9.45 8.20
CA TYR A 31 -1.13 8.68 8.25
C TYR A 31 -0.94 7.41 9.07
N GLU A 32 -1.87 7.14 9.98
CA GLU A 32 -1.80 5.96 10.82
C GLU A 32 -2.51 4.77 10.17
N GLY A 33 -2.08 3.57 10.51
CA GLY A 33 -2.69 2.37 9.96
C GLY A 33 -1.76 1.65 9.00
N VAL A 34 -1.79 0.33 9.03
CA VAL A 34 -0.94 -0.49 8.17
C VAL A 34 -1.17 -0.15 6.69
N TYR A 35 -2.43 -0.20 6.26
CA TYR A 35 -2.78 0.10 4.89
C TYR A 35 -3.60 1.39 4.81
N CYS A 36 -3.19 2.39 5.59
CA CYS A 36 -3.88 3.67 5.61
C CYS A 36 -5.37 3.49 5.93
N GLU A 37 -5.73 3.75 7.18
CA GLU A 37 -7.12 3.62 7.61
C GLU A 37 -7.30 4.16 9.03
N ILE A 38 -6.29 3.97 9.87
CA ILE A 38 -6.35 4.44 11.25
C ILE A 38 -5.82 5.86 11.37
N ASP A 1 5.26 -6.08 -16.67
CA ASP A 1 4.01 -6.60 -16.12
C ASP A 1 3.94 -6.35 -14.61
N VAL A 2 2.80 -6.68 -14.01
CA VAL A 2 2.61 -6.50 -12.58
C VAL A 2 2.54 -7.83 -11.85
N ASN A 3 2.80 -7.81 -10.55
CA ASN A 3 2.77 -9.02 -9.73
C ASN A 3 1.92 -8.82 -8.48
N GLU A 4 2.39 -7.96 -7.59
CA GLU A 4 1.68 -7.67 -6.35
C GLU A 4 1.06 -6.28 -6.39
N CYS A 5 0.82 -5.76 -7.59
CA CYS A 5 0.23 -4.45 -7.76
C CYS A 5 -1.18 -4.54 -8.33
N ILE A 6 -1.85 -5.67 -8.06
CA ILE A 6 -3.21 -5.89 -8.55
C ILE A 6 -4.23 -5.54 -7.48
N SER A 7 -3.84 -5.65 -6.21
CA SER A 7 -4.73 -5.34 -5.11
C SER A 7 -4.06 -4.38 -4.12
N ASN A 8 -4.32 -3.09 -4.30
CA ASN A 8 -3.74 -2.07 -3.43
C ASN A 8 -4.11 -2.32 -1.96
N PRO A 9 -3.10 -2.54 -1.09
CA PRO A 9 -3.34 -2.79 0.33
C PRO A 9 -3.97 -1.59 1.04
N CYS A 10 -3.50 -0.40 0.69
CA CYS A 10 -4.02 0.83 1.28
C CYS A 10 -5.46 1.06 0.86
N GLN A 11 -6.30 1.46 1.81
CA GLN A 11 -7.71 1.71 1.54
C GLN A 11 -8.04 3.19 1.69
N ASN A 12 -7.31 4.04 0.98
CA ASN A 12 -7.53 5.47 1.04
C ASN A 12 -7.14 6.14 -0.29
N ASP A 13 -5.89 6.61 -0.38
CA ASP A 13 -5.40 7.25 -1.59
C ASP A 13 -3.90 7.04 -1.75
N ALA A 14 -3.39 5.97 -1.14
CA ALA A 14 -1.98 5.66 -1.21
C ALA A 14 -1.56 5.25 -2.62
N THR A 15 -0.28 4.98 -2.79
CA THR A 15 0.25 4.57 -4.10
C THR A 15 0.72 3.12 -4.05
N CYS A 16 0.82 2.51 -5.22
CA CYS A 16 1.25 1.11 -5.32
C CYS A 16 2.77 1.03 -5.47
N LEU A 17 3.40 0.26 -4.58
CA LEU A 17 4.85 0.09 -4.62
C LEU A 17 5.23 -1.34 -4.26
N ASP A 18 4.62 -2.30 -4.96
CA ASP A 18 4.89 -3.71 -4.71
C ASP A 18 4.69 -4.53 -5.99
N GLN A 19 5.75 -4.67 -6.77
CA GLN A 19 5.69 -5.42 -8.01
C GLN A 19 7.04 -6.07 -8.33
N ILE A 20 7.67 -6.63 -7.30
CA ILE A 20 8.96 -7.28 -7.45
C ILE A 20 9.35 -8.05 -6.19
N GLY A 21 8.52 -9.01 -5.82
CA GLY A 21 8.79 -9.81 -4.64
C GLY A 21 8.91 -8.96 -3.39
N GLU A 22 8.24 -7.80 -3.38
CA GLU A 22 8.28 -6.90 -2.24
C GLU A 22 6.87 -6.43 -1.89
N PHE A 23 6.78 -5.59 -0.86
CA PHE A 23 5.50 -5.06 -0.42
C PHE A 23 5.68 -3.75 0.34
N GLN A 24 5.33 -2.64 -0.31
CA GLN A 24 5.46 -1.32 0.30
C GLN A 24 4.40 -0.37 -0.24
N CYS A 25 3.58 0.17 0.66
CA CYS A 25 2.53 1.11 0.27
C CYS A 25 2.91 2.53 0.66
N ILE A 26 2.65 3.47 -0.25
CA ILE A 26 2.96 4.87 0.01
C ILE A 26 1.79 5.58 0.67
N CYS A 27 1.76 5.53 2.00
CA CYS A 27 0.68 6.16 2.76
C CYS A 27 0.78 7.68 2.69
N MET A 28 -0.15 8.35 3.35
CA MET A 28 -0.18 9.81 3.36
C MET A 28 0.79 10.36 4.40
N PRO A 29 1.14 11.66 4.28
CA PRO A 29 2.07 12.31 5.20
C PRO A 29 1.64 12.13 6.66
N GLY A 30 2.12 11.06 7.28
CA GLY A 30 1.78 10.79 8.67
C GLY A 30 0.39 10.22 8.83
N TYR A 31 0.18 9.00 8.35
CA TYR A 31 -1.12 8.35 8.46
C TYR A 31 -1.03 7.14 9.39
N GLU A 32 -1.97 7.06 10.33
CA GLU A 32 -1.99 5.96 11.29
C GLU A 32 -2.82 4.79 10.78
N GLY A 33 -2.50 3.59 11.25
CA GLY A 33 -3.23 2.40 10.84
C GLY A 33 -2.54 1.67 9.70
N VAL A 34 -2.61 0.34 9.72
CA VAL A 34 -2.00 -0.47 8.69
C VAL A 34 -2.69 -0.27 7.35
N TYR A 35 -1.89 -0.03 6.31
CA TYR A 35 -2.42 0.18 4.97
C TYR A 35 -3.34 1.40 4.93
N CYS A 36 -2.90 2.49 5.52
CA CYS A 36 -3.68 3.73 5.55
C CYS A 36 -5.13 3.46 5.94
N GLU A 37 -5.44 3.65 7.23
CA GLU A 37 -6.79 3.44 7.72
C GLU A 37 -7.15 4.46 8.80
N ILE A 38 -6.45 4.37 9.93
CA ILE A 38 -6.70 5.28 11.04
C ILE A 38 -5.82 6.53 10.94
N ASP A 1 6.56 -6.46 -15.26
CA ASP A 1 5.97 -7.64 -14.63
C ASP A 1 5.21 -7.26 -13.35
N VAL A 2 3.96 -7.70 -13.27
CA VAL A 2 3.13 -7.41 -12.11
C VAL A 2 3.04 -8.61 -11.17
N ASN A 3 2.45 -8.40 -10.00
CA ASN A 3 2.31 -9.47 -9.02
C ASN A 3 1.24 -9.11 -7.99
N GLU A 4 1.55 -8.12 -7.15
CA GLU A 4 0.61 -7.69 -6.12
C GLU A 4 0.25 -6.22 -6.29
N CYS A 5 0.27 -5.75 -7.53
CA CYS A 5 -0.06 -4.35 -7.83
C CYS A 5 -1.37 -4.26 -8.60
N ILE A 6 -2.24 -5.24 -8.41
CA ILE A 6 -3.53 -5.25 -9.08
C ILE A 6 -4.62 -4.68 -8.19
N SER A 7 -4.43 -4.79 -6.88
CA SER A 7 -5.39 -4.27 -5.92
C SER A 7 -4.67 -3.50 -4.80
N ASN A 8 -4.87 -2.19 -4.78
CA ASN A 8 -4.25 -1.34 -3.77
C ASN A 8 -4.65 -1.79 -2.37
N PRO A 9 -3.68 -2.20 -1.53
CA PRO A 9 -3.95 -2.64 -0.15
C PRO A 9 -4.49 -1.52 0.72
N CYS A 10 -3.91 -0.32 0.55
CA CYS A 10 -4.33 0.84 1.32
C CYS A 10 -5.76 1.24 0.96
N GLN A 11 -6.56 1.53 2.00
CA GLN A 11 -7.94 1.94 1.78
C GLN A 11 -8.05 3.45 1.73
N ASN A 12 -7.14 4.04 0.99
CA ASN A 12 -7.08 5.49 0.82
C ASN A 12 -6.49 5.84 -0.54
N ASP A 13 -6.03 7.06 -0.71
CA ASP A 13 -5.44 7.49 -1.98
C ASP A 13 -3.94 7.23 -1.98
N ALA A 14 -3.54 6.05 -1.48
CA ALA A 14 -2.14 5.69 -1.44
C ALA A 14 -1.63 5.26 -2.81
N THR A 15 -0.35 4.91 -2.88
CA THR A 15 0.26 4.48 -4.14
C THR A 15 0.71 3.02 -4.06
N CYS A 16 0.90 2.40 -5.22
CA CYS A 16 1.33 1.00 -5.27
C CYS A 16 2.85 0.90 -5.28
N LEU A 17 3.36 -0.14 -4.63
CA LEU A 17 4.80 -0.37 -4.56
C LEU A 17 5.11 -1.68 -3.85
N ASP A 18 4.69 -2.79 -4.46
CA ASP A 18 4.91 -4.11 -3.89
C ASP A 18 6.12 -4.79 -4.50
N GLN A 19 6.61 -5.83 -3.84
CA GLN A 19 7.77 -6.57 -4.33
C GLN A 19 7.62 -8.06 -4.02
N ILE A 20 8.69 -8.82 -4.25
CA ILE A 20 8.67 -10.26 -4.00
C ILE A 20 8.69 -10.55 -2.51
N GLY A 21 7.52 -10.80 -1.94
CA GLY A 21 7.42 -11.10 -0.53
C GLY A 21 6.73 -9.99 0.25
N GLU A 22 7.53 -9.13 0.88
CA GLU A 22 6.98 -8.03 1.67
C GLU A 22 6.80 -6.78 0.80
N PHE A 23 5.56 -6.48 0.44
CA PHE A 23 5.26 -5.32 -0.39
C PHE A 23 5.35 -4.03 0.42
N GLN A 24 5.04 -2.91 -0.23
CA GLN A 24 5.09 -1.61 0.43
C GLN A 24 4.05 -0.65 -0.17
N CYS A 25 3.26 -0.04 0.69
CA CYS A 25 2.24 0.91 0.26
C CYS A 25 2.61 2.33 0.69
N ILE A 26 2.38 3.29 -0.20
CA ILE A 26 2.69 4.69 0.09
C ILE A 26 1.50 5.38 0.73
N CYS A 27 1.60 5.64 2.03
CA CYS A 27 0.53 6.30 2.77
C CYS A 27 0.74 7.81 2.84
N MET A 28 -0.29 8.51 3.32
CA MET A 28 -0.22 9.96 3.45
C MET A 28 0.63 10.38 4.65
N PRO A 29 1.38 11.48 4.53
CA PRO A 29 2.23 11.98 5.62
C PRO A 29 1.44 12.25 6.90
N GLY A 30 1.84 11.59 7.98
CA GLY A 30 1.15 11.77 9.25
C GLY A 30 -0.10 10.93 9.37
N TYR A 31 -0.28 9.98 8.45
CA TYR A 31 -1.45 9.12 8.47
C TYR A 31 -1.10 7.77 9.13
N GLU A 32 -1.91 7.37 10.11
CA GLU A 32 -1.67 6.13 10.82
C GLU A 32 -2.38 4.96 10.14
N GLY A 33 -1.94 3.75 10.44
CA GLY A 33 -2.54 2.56 9.85
C GLY A 33 -1.58 1.80 8.97
N VAL A 34 -1.62 0.47 9.07
CA VAL A 34 -0.73 -0.38 8.27
C VAL A 34 -0.98 -0.16 6.78
N TYR A 35 -2.23 0.11 6.42
CA TYR A 35 -2.60 0.34 5.03
C TYR A 35 -3.55 1.52 4.91
N CYS A 36 -3.14 2.67 5.45
CA CYS A 36 -3.97 3.87 5.40
C CYS A 36 -5.40 3.59 5.84
N GLU A 37 -5.69 3.86 7.11
CA GLU A 37 -7.03 3.63 7.65
C GLU A 37 -7.11 4.06 9.11
N ILE A 38 -6.03 3.83 9.85
CA ILE A 38 -5.98 4.20 11.25
C ILE A 38 -5.44 5.61 11.44
N ASP A 1 4.23 -18.58 -2.65
CA ASP A 1 4.31 -17.24 -3.22
C ASP A 1 2.92 -16.74 -3.62
N VAL A 2 2.40 -15.79 -2.84
CA VAL A 2 1.08 -15.23 -3.11
C VAL A 2 1.13 -13.70 -3.11
N ASN A 3 0.60 -13.10 -4.19
CA ASN A 3 0.58 -11.65 -4.32
C ASN A 3 -0.30 -11.01 -3.25
N GLU A 4 -0.16 -9.71 -3.07
CA GLU A 4 -0.95 -8.98 -2.08
C GLU A 4 -1.49 -7.68 -2.66
N CYS A 5 -0.63 -6.95 -3.37
CA CYS A 5 -1.04 -5.68 -3.98
C CYS A 5 -1.58 -5.91 -5.39
N ILE A 6 -2.68 -6.64 -5.48
CA ILE A 6 -3.31 -6.92 -6.77
C ILE A 6 -4.45 -5.95 -7.06
N SER A 7 -5.16 -5.55 -6.00
CA SER A 7 -6.28 -4.64 -6.15
C SER A 7 -6.15 -3.46 -5.18
N ASN A 8 -4.99 -2.82 -5.19
CA ASN A 8 -4.73 -1.68 -4.33
C ASN A 8 -5.00 -2.02 -2.86
N PRO A 9 -3.96 -2.40 -2.10
CA PRO A 9 -4.11 -2.75 -0.69
C PRO A 9 -4.49 -1.55 0.16
N CYS A 10 -3.92 -0.39 -0.17
CA CYS A 10 -4.21 0.83 0.55
C CYS A 10 -5.63 1.32 0.24
N GLN A 11 -6.43 1.49 1.29
CA GLN A 11 -7.81 1.94 1.12
C GLN A 11 -7.90 3.45 1.23
N ASN A 12 -6.97 4.13 0.57
CA ASN A 12 -6.92 5.58 0.58
C ASN A 12 -6.30 6.08 -0.73
N ASP A 13 -5.82 7.32 -0.73
CA ASP A 13 -5.19 7.88 -1.91
C ASP A 13 -3.68 7.61 -1.90
N ALA A 14 -3.29 6.55 -1.22
CA ALA A 14 -1.88 6.17 -1.13
C ALA A 14 -1.38 5.61 -2.45
N THR A 15 -0.12 5.15 -2.43
CA THR A 15 0.50 4.58 -3.62
C THR A 15 1.12 3.22 -3.31
N CYS A 16 0.77 2.22 -4.11
CA CYS A 16 1.30 0.88 -3.92
C CYS A 16 2.37 0.55 -4.95
N LEU A 17 3.39 -0.20 -4.51
CA LEU A 17 4.48 -0.59 -5.39
C LEU A 17 4.96 -2.00 -5.03
N ASP A 18 4.41 -2.99 -5.72
CA ASP A 18 4.77 -4.39 -5.49
C ASP A 18 5.61 -4.93 -6.64
N GLN A 19 6.82 -5.39 -6.31
CA GLN A 19 7.72 -5.94 -7.33
C GLN A 19 8.51 -7.11 -6.77
N ILE A 20 7.88 -8.29 -6.73
CA ILE A 20 8.52 -9.49 -6.22
C ILE A 20 9.04 -9.29 -4.81
N GLY A 21 8.32 -9.84 -3.83
CA GLY A 21 8.73 -9.70 -2.44
C GLY A 21 7.74 -8.92 -1.62
N GLU A 22 8.23 -7.96 -0.84
CA GLU A 22 7.38 -7.14 0.01
C GLU A 22 7.19 -5.75 -0.61
N PHE A 23 5.95 -5.43 -0.94
CA PHE A 23 5.63 -4.13 -1.52
C PHE A 23 5.58 -3.04 -0.46
N GLN A 24 5.46 -1.79 -0.89
CA GLN A 24 5.41 -0.67 0.03
C GLN A 24 4.30 0.30 -0.34
N CYS A 25 3.50 0.68 0.66
CA CYS A 25 2.39 1.61 0.43
C CYS A 25 2.76 3.01 0.91
N ILE A 26 2.63 3.99 0.02
CA ILE A 26 2.94 5.37 0.36
C ILE A 26 1.73 6.08 0.92
N CYS A 27 1.62 6.09 2.24
CA CYS A 27 0.50 6.73 2.91
C CYS A 27 0.68 8.24 3.02
N MET A 28 -0.30 8.90 3.62
CA MET A 28 -0.27 10.35 3.79
C MET A 28 0.52 10.74 5.03
N PRO A 29 1.08 11.96 5.05
CA PRO A 29 1.86 12.45 6.19
C PRO A 29 1.06 12.44 7.48
N GLY A 30 1.48 11.62 8.44
CA GLY A 30 0.79 11.52 9.70
C GLY A 30 -0.41 10.61 9.64
N TYR A 31 -0.40 9.69 8.67
CA TYR A 31 -1.51 8.75 8.50
C TYR A 31 -1.11 7.37 9.01
N GLU A 32 -1.88 6.84 9.95
CA GLU A 32 -1.61 5.52 10.52
C GLU A 32 -2.30 4.42 9.74
N GLY A 33 -1.87 3.18 9.96
CA GLY A 33 -2.45 2.05 9.27
C GLY A 33 -1.49 1.40 8.30
N VAL A 34 -1.42 0.07 8.33
CA VAL A 34 -0.53 -0.67 7.44
C VAL A 34 -0.81 -0.35 5.98
N TYR A 35 -2.08 -0.08 5.67
CA TYR A 35 -2.48 0.25 4.31
C TYR A 35 -3.41 1.45 4.29
N CYS A 36 -3.04 2.49 5.06
CA CYS A 36 -3.85 3.70 5.13
C CYS A 36 -5.27 3.37 5.57
N GLU A 37 -5.56 3.64 6.84
CA GLU A 37 -6.89 3.36 7.39
C GLU A 37 -7.00 3.84 8.84
N ILE A 38 -5.92 3.73 9.59
CA ILE A 38 -5.90 4.14 10.99
C ILE A 38 -5.50 5.60 11.12
N ASP A 1 1.83 -17.16 -9.11
CA ASP A 1 0.63 -16.33 -9.10
C ASP A 1 0.37 -15.76 -7.71
N VAL A 2 1.45 -15.41 -7.01
CA VAL A 2 1.34 -14.84 -5.68
C VAL A 2 1.46 -13.33 -5.71
N ASN A 3 0.34 -12.66 -6.00
CA ASN A 3 0.31 -11.20 -6.07
C ASN A 3 -0.41 -10.61 -4.85
N GLU A 4 0.09 -9.48 -4.37
CA GLU A 4 -0.50 -8.82 -3.21
C GLU A 4 -1.25 -7.55 -3.64
N CYS A 5 -0.61 -6.75 -4.48
CA CYS A 5 -1.22 -5.52 -4.96
C CYS A 5 -2.02 -5.76 -6.24
N ILE A 6 -3.18 -6.40 -6.09
CA ILE A 6 -4.03 -6.70 -7.23
C ILE A 6 -5.02 -5.58 -7.47
N SER A 7 -5.55 -5.01 -6.39
CA SER A 7 -6.51 -3.91 -6.50
C SER A 7 -6.25 -2.86 -5.42
N ASN A 8 -5.01 -2.42 -5.33
CA ASN A 8 -4.62 -1.41 -4.35
C ASN A 8 -5.06 -1.80 -2.94
N PRO A 9 -4.15 -2.37 -2.13
CA PRO A 9 -4.46 -2.77 -0.76
C PRO A 9 -4.79 -1.58 0.14
N CYS A 10 -4.26 -0.41 -0.23
CA CYS A 10 -4.50 0.81 0.53
C CYS A 10 -5.94 1.28 0.32
N GLN A 11 -6.64 1.54 1.42
CA GLN A 11 -8.03 1.99 1.34
C GLN A 11 -8.11 3.50 1.48
N ASN A 12 -7.19 4.18 0.81
CA ASN A 12 -7.13 5.63 0.82
C ASN A 12 -6.54 6.15 -0.49
N ASP A 13 -6.00 7.36 -0.46
CA ASP A 13 -5.40 7.95 -1.64
C ASP A 13 -3.89 7.70 -1.66
N ALA A 14 -3.47 6.60 -1.04
CA ALA A 14 -2.07 6.24 -0.97
C ALA A 14 -1.56 5.70 -2.30
N THR A 15 -0.31 5.26 -2.31
CA THR A 15 0.30 4.71 -3.51
C THR A 15 0.85 3.31 -3.24
N CYS A 16 0.53 2.38 -4.13
CA CYS A 16 0.99 1.01 -3.99
C CYS A 16 2.33 0.79 -4.66
N LEU A 17 3.33 0.43 -3.87
CA LEU A 17 4.68 0.18 -4.37
C LEU A 17 5.15 -1.22 -3.99
N ASP A 18 4.57 -2.23 -4.63
CA ASP A 18 4.93 -3.62 -4.35
C ASP A 18 6.07 -4.09 -5.25
N GLN A 19 6.96 -4.90 -4.68
CA GLN A 19 8.09 -5.42 -5.43
C GLN A 19 8.30 -6.90 -5.12
N ILE A 20 9.46 -7.43 -5.51
CA ILE A 20 9.78 -8.83 -5.29
C ILE A 20 9.76 -9.16 -3.80
N GLY A 21 8.69 -9.81 -3.35
CA GLY A 21 8.56 -10.18 -1.96
C GLY A 21 7.48 -9.39 -1.24
N GLU A 22 7.89 -8.59 -0.27
CA GLU A 22 6.95 -7.77 0.49
C GLU A 22 6.74 -6.41 -0.17
N PHE A 23 5.51 -5.92 -0.14
CA PHE A 23 5.18 -4.62 -0.73
C PHE A 23 5.05 -3.55 0.34
N GLN A 24 5.05 -2.29 -0.09
CA GLN A 24 4.93 -1.17 0.83
C GLN A 24 4.05 -0.07 0.25
N CYS A 25 3.01 0.30 0.99
CA CYS A 25 2.09 1.35 0.55
C CYS A 25 2.56 2.71 1.03
N ILE A 26 2.38 3.73 0.19
CA ILE A 26 2.78 5.09 0.53
C ILE A 26 1.65 5.83 1.22
N CYS A 27 1.63 5.75 2.55
CA CYS A 27 0.60 6.41 3.34
C CYS A 27 0.60 7.92 3.12
N MET A 28 -0.35 8.60 3.75
CA MET A 28 -0.46 10.05 3.62
C MET A 28 0.41 10.75 4.66
N PRO A 29 0.71 12.04 4.43
CA PRO A 29 1.55 12.83 5.36
C PRO A 29 1.10 12.68 6.81
N GLY A 30 1.74 11.78 7.54
CA GLY A 30 1.39 11.56 8.93
C GLY A 30 0.19 10.63 9.08
N TYR A 31 0.16 9.59 8.26
CA TYR A 31 -0.94 8.63 8.30
C TYR A 31 -0.43 7.25 8.72
N GLU A 32 -1.16 6.60 9.62
CA GLU A 32 -0.78 5.28 10.10
C GLU A 32 -1.77 4.21 9.62
N GLY A 33 -1.50 2.97 9.99
CA GLY A 33 -2.38 1.88 9.58
C GLY A 33 -1.66 0.84 8.75
N VAL A 34 -2.26 -0.34 8.65
CA VAL A 34 -1.67 -1.43 7.86
C VAL A 34 -1.46 -1.00 6.42
N TYR A 35 -2.56 -0.79 5.70
CA TYR A 35 -2.49 -0.38 4.30
C TYR A 35 -2.68 1.13 4.18
N CYS A 36 -2.25 1.87 5.21
CA CYS A 36 -2.37 3.33 5.21
C CYS A 36 -3.83 3.75 5.27
N GLU A 37 -4.58 3.20 6.22
CA GLU A 37 -5.99 3.54 6.38
C GLU A 37 -6.29 4.04 7.79
N ILE A 38 -5.28 4.05 8.65
CA ILE A 38 -5.46 4.51 10.03
C ILE A 38 -4.77 5.86 10.25
N ASP A 1 6.86 -15.30 -10.10
CA ASP A 1 5.51 -14.77 -10.20
C ASP A 1 5.18 -13.91 -8.99
N VAL A 2 5.30 -12.60 -9.15
CA VAL A 2 5.01 -11.66 -8.06
C VAL A 2 3.85 -10.74 -8.44
N ASN A 3 2.80 -10.78 -7.64
CA ASN A 3 1.62 -9.95 -7.88
C ASN A 3 0.78 -9.81 -6.61
N GLU A 4 0.93 -8.67 -5.94
CA GLU A 4 0.19 -8.40 -4.71
C GLU A 4 -0.34 -6.98 -4.69
N CYS A 5 -0.66 -6.46 -5.86
CA CYS A 5 -1.18 -5.10 -5.98
C CYS A 5 -2.11 -4.98 -7.18
N ILE A 6 -3.39 -5.25 -6.96
CA ILE A 6 -4.39 -5.17 -8.03
C ILE A 6 -4.99 -3.77 -8.11
N SER A 7 -5.38 -3.23 -6.97
CA SER A 7 -5.97 -1.91 -6.91
C SER A 7 -5.60 -1.19 -5.61
N ASN A 8 -4.30 -1.14 -5.33
CA ASN A 8 -3.80 -0.50 -4.12
C ASN A 8 -4.35 -1.17 -2.87
N PRO A 9 -3.48 -1.75 -2.04
CA PRO A 9 -3.90 -2.43 -0.80
C PRO A 9 -4.53 -1.46 0.20
N CYS A 10 -4.10 -0.21 0.14
CA CYS A 10 -4.62 0.83 1.03
C CYS A 10 -6.05 1.20 0.66
N GLN A 11 -6.85 1.53 1.67
CA GLN A 11 -8.24 1.92 1.45
C GLN A 11 -8.36 3.43 1.40
N ASN A 12 -7.42 4.05 0.73
CA ASN A 12 -7.38 5.51 0.59
C ASN A 12 -6.70 5.88 -0.73
N ASP A 13 -6.26 7.13 -0.83
CA ASP A 13 -5.59 7.59 -2.04
C ASP A 13 -4.08 7.36 -1.91
N ALA A 14 -3.71 6.19 -1.41
CA ALA A 14 -2.32 5.83 -1.23
C ALA A 14 -1.64 5.50 -2.55
N THR A 15 -0.40 5.04 -2.46
CA THR A 15 0.38 4.68 -3.65
C THR A 15 0.87 3.24 -3.55
N CYS A 16 0.94 2.56 -4.68
CA CYS A 16 1.40 1.18 -4.71
C CYS A 16 2.91 1.08 -4.90
N LEU A 17 3.55 0.30 -4.05
CA LEU A 17 5.00 0.12 -4.12
C LEU A 17 5.40 -1.28 -3.65
N ASP A 18 4.89 -2.28 -4.35
CA ASP A 18 5.18 -3.67 -4.00
C ASP A 18 6.41 -4.17 -4.77
N GLN A 19 7.27 -4.90 -4.07
CA GLN A 19 8.48 -5.44 -4.68
C GLN A 19 8.59 -6.95 -4.44
N ILE A 20 9.73 -7.52 -4.80
CA ILE A 20 9.96 -8.95 -4.62
C ILE A 20 9.84 -9.34 -3.16
N GLY A 21 8.90 -10.25 -2.87
CA GLY A 21 8.70 -10.70 -1.51
C GLY A 21 7.63 -9.90 -0.78
N GLU A 22 8.06 -8.99 0.08
CA GLU A 22 7.13 -8.16 0.83
C GLU A 22 6.91 -6.82 0.14
N PHE A 23 5.67 -6.35 0.14
CA PHE A 23 5.33 -5.07 -0.50
C PHE A 23 5.17 -3.98 0.55
N GLN A 24 4.94 -2.76 0.08
CA GLN A 24 4.77 -1.62 0.97
C GLN A 24 3.82 -0.59 0.35
N CYS A 25 2.84 -0.16 1.14
CA CYS A 25 1.87 0.82 0.68
C CYS A 25 2.13 2.19 1.31
N ILE A 26 2.61 3.13 0.50
CA ILE A 26 2.91 4.47 0.98
C ILE A 26 1.70 5.38 0.86
N CYS A 27 1.32 6.01 1.96
CA CYS A 27 0.18 6.91 1.97
C CYS A 27 0.58 8.29 2.50
N MET A 28 -0.41 9.08 2.92
CA MET A 28 -0.16 10.42 3.44
C MET A 28 0.91 10.39 4.53
N PRO A 29 1.73 11.46 4.63
CA PRO A 29 2.80 11.55 5.62
C PRO A 29 2.32 11.22 7.04
N GLY A 30 1.42 12.05 7.56
CA GLY A 30 0.90 11.82 8.90
C GLY A 30 -0.30 10.88 8.88
N TYR A 31 -0.10 9.68 8.36
CA TYR A 31 -1.17 8.71 8.27
C TYR A 31 -0.76 7.39 8.94
N GLU A 32 -1.57 6.93 9.89
CA GLU A 32 -1.29 5.69 10.60
C GLU A 32 -2.06 4.53 9.98
N GLY A 33 -1.51 3.33 10.12
CA GLY A 33 -2.16 2.15 9.57
C GLY A 33 -1.26 1.40 8.60
N VAL A 34 -1.40 0.07 8.58
CA VAL A 34 -0.59 -0.77 7.70
C VAL A 34 -0.88 -0.47 6.24
N TYR A 35 -2.12 -0.07 5.96
CA TYR A 35 -2.53 0.24 4.58
C TYR A 35 -3.49 1.43 4.56
N CYS A 36 -3.04 2.56 5.09
CA CYS A 36 -3.86 3.77 5.13
C CYS A 36 -5.26 3.47 5.66
N GLU A 37 -5.44 3.63 6.96
CA GLU A 37 -6.73 3.36 7.59
C GLU A 37 -6.75 3.85 9.03
N ILE A 38 -5.65 3.64 9.74
CA ILE A 38 -5.54 4.07 11.14
C ILE A 38 -5.01 5.49 11.24
N ASP A 1 4.41 -8.76 -14.26
CA ASP A 1 3.29 -9.54 -13.79
C ASP A 1 2.81 -9.03 -12.43
N VAL A 2 1.67 -9.54 -11.97
CA VAL A 2 1.11 -9.12 -10.69
C VAL A 2 1.57 -10.06 -9.57
N ASN A 3 1.59 -9.53 -8.34
CA ASN A 3 2.01 -10.32 -7.19
C ASN A 3 1.04 -10.12 -6.02
N GLU A 4 0.86 -8.85 -5.63
CA GLU A 4 -0.02 -8.52 -4.52
C GLU A 4 -0.49 -7.08 -4.61
N CYS A 5 -0.70 -6.59 -5.84
CA CYS A 5 -1.15 -5.22 -6.05
C CYS A 5 -2.10 -5.15 -7.24
N ILE A 6 -3.39 -5.30 -6.98
CA ILE A 6 -4.40 -5.24 -8.03
C ILE A 6 -4.98 -3.84 -8.14
N SER A 7 -5.35 -3.25 -7.00
CA SER A 7 -5.92 -1.91 -6.99
C SER A 7 -5.50 -1.16 -5.72
N ASN A 8 -4.19 -1.12 -5.48
CA ASN A 8 -3.65 -0.44 -4.32
C ASN A 8 -4.16 -1.07 -3.02
N PRO A 9 -3.25 -1.58 -2.17
CA PRO A 9 -3.64 -2.21 -0.90
C PRO A 9 -4.27 -1.21 0.06
N CYS A 10 -3.69 -0.02 0.15
CA CYS A 10 -4.19 1.01 1.03
C CYS A 10 -5.62 1.39 0.69
N GLN A 11 -6.45 1.59 1.72
CA GLN A 11 -7.84 1.95 1.51
C GLN A 11 -8.01 3.46 1.51
N ASN A 12 -7.10 4.12 0.82
CA ASN A 12 -7.11 5.58 0.71
C ASN A 12 -6.50 6.00 -0.63
N ASP A 13 -6.08 7.25 -0.74
CA ASP A 13 -5.47 7.75 -1.96
C ASP A 13 -3.96 7.53 -1.95
N ALA A 14 -3.53 6.40 -1.38
CA ALA A 14 -2.11 6.08 -1.30
C ALA A 14 -1.58 5.58 -2.62
N THR A 15 -0.31 5.20 -2.64
CA THR A 15 0.34 4.70 -3.84
C THR A 15 0.85 3.27 -3.63
N CYS A 16 0.72 2.44 -4.65
CA CYS A 16 1.16 1.06 -4.57
C CYS A 16 2.61 0.91 -5.02
N LEU A 17 3.37 0.11 -4.28
CA LEU A 17 4.78 -0.12 -4.60
C LEU A 17 5.24 -1.48 -4.07
N ASP A 18 4.74 -2.54 -4.70
CA ASP A 18 5.10 -3.90 -4.30
C ASP A 18 6.29 -4.41 -5.09
N GLN A 19 7.01 -5.37 -4.52
CA GLN A 19 8.18 -5.95 -5.17
C GLN A 19 8.18 -7.46 -5.04
N ILE A 20 9.22 -8.10 -5.59
CA ILE A 20 9.35 -9.55 -5.54
C ILE A 20 9.33 -10.07 -4.10
N GLY A 21 8.14 -10.33 -3.59
CA GLY A 21 8.00 -10.84 -2.23
C GLY A 21 7.25 -9.88 -1.33
N GLU A 22 7.99 -9.02 -0.63
CA GLU A 22 7.38 -8.06 0.27
C GLU A 22 7.06 -6.76 -0.46
N PHE A 23 5.89 -6.21 -0.17
CA PHE A 23 5.47 -4.96 -0.80
C PHE A 23 5.37 -3.83 0.22
N GLN A 24 5.27 -2.60 -0.28
CA GLN A 24 5.16 -1.44 0.59
C GLN A 24 4.25 -0.38 -0.01
N CYS A 25 3.26 0.05 0.76
CA CYS A 25 2.32 1.07 0.31
C CYS A 25 2.73 2.45 0.81
N ILE A 26 2.60 3.45 -0.06
CA ILE A 26 2.96 4.81 0.29
C ILE A 26 1.78 5.55 0.90
N CYS A 27 1.67 5.49 2.23
CA CYS A 27 0.57 6.15 2.92
C CYS A 27 0.65 7.66 2.77
N MET A 28 -0.19 8.37 3.52
CA MET A 28 -0.22 9.83 3.48
C MET A 28 0.74 10.43 4.51
N PRO A 29 1.21 11.67 4.27
CA PRO A 29 2.14 12.34 5.18
C PRO A 29 1.56 12.49 6.58
N GLY A 30 1.71 11.45 7.40
CA GLY A 30 1.19 11.48 8.75
C GLY A 30 -0.11 10.75 8.89
N TYR A 31 -0.15 9.50 8.44
CA TYR A 31 -1.36 8.70 8.52
C TYR A 31 -1.12 7.43 9.34
N GLU A 32 -2.18 6.89 9.92
CA GLU A 32 -2.06 5.69 10.74
C GLU A 32 -2.63 4.47 10.01
N GLY A 33 -2.22 3.29 10.45
CA GLY A 33 -2.70 2.06 9.83
C GLY A 33 -1.68 1.44 8.90
N VAL A 34 -1.61 0.12 8.88
CA VAL A 34 -0.66 -0.59 8.03
C VAL A 34 -0.86 -0.22 6.57
N TYR A 35 -2.12 -0.11 6.15
CA TYR A 35 -2.45 0.25 4.77
C TYR A 35 -3.37 1.46 4.74
N CYS A 36 -3.02 2.50 5.49
CA CYS A 36 -3.82 3.71 5.55
C CYS A 36 -5.27 3.41 5.90
N GLU A 37 -5.61 3.52 7.18
CA GLU A 37 -6.96 3.25 7.64
C GLU A 37 -7.17 3.77 9.07
N ILE A 38 -6.16 3.59 9.91
CA ILE A 38 -6.22 4.04 11.29
C ILE A 38 -5.72 5.47 11.44
N ASP A 1 3.04 -10.30 -15.81
CA ASP A 1 3.34 -9.94 -14.43
C ASP A 1 2.18 -9.14 -13.83
N VAL A 2 2.20 -8.98 -12.51
CA VAL A 2 1.16 -8.23 -11.81
C VAL A 2 1.75 -7.39 -10.69
N ASN A 3 1.61 -6.07 -10.82
CA ASN A 3 2.13 -5.15 -9.82
C ASN A 3 1.15 -5.02 -8.64
N GLU A 4 1.49 -4.15 -7.69
CA GLU A 4 0.65 -3.94 -6.52
C GLU A 4 -0.29 -2.75 -6.72
N CYS A 5 -0.51 -2.37 -7.98
CA CYS A 5 -1.39 -1.25 -8.30
C CYS A 5 -2.78 -1.74 -8.68
N ILE A 6 -2.92 -3.05 -8.89
CA ILE A 6 -4.20 -3.63 -9.25
C ILE A 6 -4.99 -4.02 -8.02
N SER A 7 -4.28 -4.32 -6.93
CA SER A 7 -4.91 -4.71 -5.67
C SER A 7 -4.22 -4.02 -4.51
N ASN A 8 -4.15 -2.68 -4.56
CA ASN A 8 -3.52 -1.89 -3.52
C ASN A 8 -4.02 -2.30 -2.14
N PRO A 9 -3.10 -2.64 -1.22
CA PRO A 9 -3.47 -3.04 0.15
C PRO A 9 -4.09 -1.90 0.94
N CYS A 10 -3.54 -0.70 0.78
CA CYS A 10 -4.03 0.47 1.47
C CYS A 10 -5.48 0.75 1.10
N GLN A 11 -6.32 1.00 2.11
CA GLN A 11 -7.73 1.28 1.88
C GLN A 11 -7.95 2.78 1.75
N ASN A 12 -7.07 3.42 0.99
CA ASN A 12 -7.13 4.85 0.77
C ASN A 12 -6.55 5.18 -0.61
N ASP A 13 -6.17 6.43 -0.82
CA ASP A 13 -5.60 6.85 -2.10
C ASP A 13 -4.09 6.70 -2.08
N ALA A 14 -3.60 5.60 -1.50
CA ALA A 14 -2.18 5.34 -1.42
C ALA A 14 -1.62 4.93 -2.78
N THR A 15 -0.30 4.68 -2.83
CA THR A 15 0.35 4.28 -4.06
C THR A 15 0.90 2.86 -3.94
N CYS A 16 1.10 2.21 -5.08
CA CYS A 16 1.61 0.84 -5.11
C CYS A 16 3.14 0.84 -5.15
N LEU A 17 3.74 0.06 -4.26
CA LEU A 17 5.20 -0.05 -4.21
C LEU A 17 5.62 -1.46 -3.82
N ASP A 18 5.09 -2.46 -4.53
CA ASP A 18 5.42 -3.85 -4.26
C ASP A 18 5.47 -4.65 -5.55
N GLN A 19 6.44 -4.31 -6.41
CA GLN A 19 6.60 -5.01 -7.69
C GLN A 19 8.02 -5.53 -7.84
N ILE A 20 8.68 -5.80 -6.71
CA ILE A 20 10.04 -6.31 -6.70
C ILE A 20 10.27 -7.23 -5.52
N GLY A 21 9.21 -7.93 -5.11
CA GLY A 21 9.32 -8.83 -3.98
C GLY A 21 9.45 -8.11 -2.65
N GLU A 22 8.93 -6.89 -2.60
CA GLU A 22 8.98 -6.09 -1.37
C GLU A 22 7.67 -5.34 -1.16
N PHE A 23 6.88 -5.80 -0.21
CA PHE A 23 5.60 -5.17 0.11
C PHE A 23 5.80 -3.82 0.78
N GLN A 24 5.42 -2.76 0.07
CA GLN A 24 5.55 -1.40 0.59
C GLN A 24 4.46 -0.49 0.04
N CYS A 25 3.60 0.01 0.92
CA CYS A 25 2.52 0.89 0.51
C CYS A 25 2.83 2.33 0.91
N ILE A 26 2.61 3.26 -0.02
CA ILE A 26 2.87 4.67 0.24
C ILE A 26 1.63 5.35 0.81
N CYS A 27 1.67 5.63 2.11
CA CYS A 27 0.55 6.27 2.79
C CYS A 27 0.66 7.79 2.73
N MET A 28 -0.38 8.47 3.21
CA MET A 28 -0.39 9.93 3.21
C MET A 28 0.62 10.48 4.22
N PRO A 29 0.98 11.76 4.09
CA PRO A 29 1.93 12.41 4.99
C PRO A 29 1.54 12.27 6.45
N GLY A 30 1.97 11.17 7.07
CA GLY A 30 1.66 10.92 8.46
C GLY A 30 0.29 10.28 8.65
N TYR A 31 0.12 9.10 8.09
CA TYR A 31 -1.15 8.38 8.20
C TYR A 31 -0.98 7.14 9.07
N GLU A 32 -1.85 6.99 10.07
CA GLU A 32 -1.78 5.85 10.98
C GLU A 32 -2.61 4.68 10.47
N GLY A 33 -2.52 3.55 11.17
CA GLY A 33 -3.27 2.37 10.78
C GLY A 33 -2.62 1.61 9.64
N VAL A 34 -2.53 0.30 9.78
CA VAL A 34 -1.92 -0.54 8.76
C VAL A 34 -2.65 -0.40 7.43
N TYR A 35 -1.89 -0.20 6.36
CA TYR A 35 -2.46 -0.05 5.03
C TYR A 35 -3.39 1.16 4.97
N CYS A 36 -2.90 2.29 5.50
CA CYS A 36 -3.68 3.53 5.50
C CYS A 36 -5.09 3.29 6.05
N GLU A 37 -5.27 3.59 7.34
CA GLU A 37 -6.58 3.41 7.97
C GLU A 37 -6.85 4.56 8.95
N ILE A 38 -5.90 4.84 9.82
CA ILE A 38 -6.04 5.90 10.80
C ILE A 38 -5.04 7.02 10.56
#